data_5W4D
#
_entry.id   5W4D
#
_cell.length_a   133.300
_cell.length_b   94.800
_cell.length_c   72.500
_cell.angle_alpha   90.00
_cell.angle_beta   91.40
_cell.angle_gamma   90.00
#
_symmetry.space_group_name_H-M   'C 1 2 1'
#
loop_
_entity.id
_entity.type
_entity.pdbx_description
1 polymer 'P-granule scaffold protein'
2 non-polymer 1,2-ETHANEDIOL
3 non-polymer 'TRIETHYLENE GLYCOL'
4 non-polymer DI(HYDROXYETHYL)ETHER
5 non-polymer 'TETRAETHYLENE GLYCOL'
6 non-polymer 'CHLORIDE ION'
7 non-polymer IMIDAZOLE
8 non-polymer 1-METHOXY-2-[2-(2-METHOXY-ETHOXY]-ETHANE
9 water water
#
_entity_poly.entity_id   1
_entity_poly.type   'polypeptide(L)'
_entity_poly.pdbx_seq_one_letter_code
;(MSE)DTNKREIVEFLGIRTYFFPNLALYAVNNDELLVSDPNKANSFAAYVFGASDKKPSVDDIVQ(MSE)LFPSGSDSG
TILTS(MSE)DTLLALGPDFLTEFKKRNQDLARFNLTHDLSILAQGDEDAAKKKLNL(MSE)GRKAKLQKTEAAKILAIL
IKTINSEENYEKFTELSELCGLDLDFDAYVFTKILGLEDEDTADEVEVIRDNFLNRLDQTKPKLADI(MSE)RNGP
;
_entity_poly.pdbx_strand_id   A,B,C,D
#
# COMPACT_ATOMS: atom_id res chain seq x y z
N LYS A 5 -16.56 -11.39 3.02
CA LYS A 5 -15.94 -10.06 3.09
C LYS A 5 -16.00 -9.37 1.73
N ARG A 6 -16.26 -8.07 1.70
CA ARG A 6 -16.26 -7.33 0.45
C ARG A 6 -14.82 -7.16 0.00
N GLU A 7 -14.48 -7.75 -1.14
CA GLU A 7 -13.10 -7.76 -1.62
CA GLU A 7 -13.10 -7.76 -1.62
C GLU A 7 -13.03 -7.33 -3.06
N ILE A 8 -12.17 -6.33 -3.33
CA ILE A 8 -11.89 -5.89 -4.70
C ILE A 8 -11.07 -6.97 -5.42
N VAL A 9 -11.38 -7.19 -6.69
CA VAL A 9 -10.65 -8.14 -7.51
C VAL A 9 -10.15 -7.43 -8.75
N GLU A 10 -9.31 -8.13 -9.51
CA GLU A 10 -8.76 -7.55 -10.74
C GLU A 10 -8.67 -8.64 -11.78
N PHE A 11 -8.90 -8.25 -13.03
CA PHE A 11 -8.75 -9.13 -14.19
C PHE A 11 -7.94 -8.37 -15.22
N LEU A 12 -6.64 -8.62 -15.29
CA LEU A 12 -5.77 -8.11 -16.37
C LEU A 12 -6.02 -6.63 -16.70
N GLY A 13 -5.85 -5.79 -15.67
CA GLY A 13 -5.97 -4.37 -15.79
C GLY A 13 -7.36 -3.81 -15.50
N ILE A 14 -8.36 -4.65 -15.23
CA ILE A 14 -9.69 -4.17 -14.87
C ILE A 14 -9.93 -4.49 -13.40
N ARG A 15 -9.83 -3.45 -12.55
CA ARG A 15 -10.04 -3.55 -11.12
C ARG A 15 -11.49 -3.23 -10.80
N THR A 16 -12.15 -4.15 -10.08
CA THR A 16 -13.59 -4.04 -9.88
C THR A 16 -13.99 -4.67 -8.56
N TYR A 17 -15.04 -4.13 -7.96
CA TYR A 17 -15.79 -4.80 -6.89
C TYR A 17 -17.15 -5.26 -7.41
N PHE A 18 -17.88 -4.34 -8.05
CA PHE A 18 -19.28 -4.58 -8.38
C PHE A 18 -19.51 -5.44 -9.63
N PHE A 19 -18.53 -5.54 -10.54
CA PHE A 19 -18.74 -6.10 -11.88
C PHE A 19 -17.68 -7.13 -12.28
N PRO A 20 -17.39 -8.11 -11.41
CA PRO A 20 -16.34 -9.09 -11.75
C PRO A 20 -16.66 -9.93 -12.98
N ASN A 21 -17.91 -10.36 -13.18
CA ASN A 21 -18.18 -11.19 -14.36
CA ASN A 21 -18.16 -11.20 -14.36
C ASN A 21 -18.05 -10.39 -15.66
N LEU A 22 -18.37 -9.09 -15.61
CA LEU A 22 -18.20 -8.24 -16.79
C LEU A 22 -16.72 -8.04 -17.11
N ALA A 23 -15.90 -7.88 -16.08
CA ALA A 23 -14.45 -7.78 -16.30
C ALA A 23 -13.89 -9.08 -16.88
N LEU A 24 -14.33 -10.23 -16.35
CA LEU A 24 -13.89 -11.50 -16.90
C LEU A 24 -14.32 -11.65 -18.35
N TYR A 25 -15.56 -11.26 -18.66
CA TYR A 25 -16.05 -11.31 -20.03
C TYR A 25 -15.12 -10.55 -20.98
N ALA A 26 -14.66 -9.36 -20.56
CA ALA A 26 -13.79 -8.56 -21.42
C ALA A 26 -12.43 -9.22 -21.61
N VAL A 27 -11.91 -9.87 -20.57
CA VAL A 27 -10.69 -10.68 -20.71
C VAL A 27 -10.88 -11.81 -21.71
N ASN A 28 -11.98 -12.55 -21.59
CA ASN A 28 -12.17 -13.75 -22.41
C ASN A 28 -12.62 -13.42 -23.82
N ASN A 29 -13.15 -12.22 -24.08
CA ASN A 29 -13.76 -11.92 -25.37
C ASN A 29 -13.21 -10.62 -25.96
N ASP A 30 -11.95 -10.32 -25.63
CA ASP A 30 -11.20 -9.16 -26.11
C ASP A 30 -11.31 -9.04 -27.63
N GLU A 31 -10.93 -10.10 -28.33
CA GLU A 31 -10.90 -10.01 -29.79
C GLU A 31 -12.29 -9.81 -30.36
N LEU A 32 -13.29 -10.46 -29.78
CA LEU A 32 -14.66 -10.28 -30.25
C LEU A 32 -15.12 -8.84 -30.11
N LEU A 33 -14.87 -8.24 -28.95
CA LEU A 33 -15.28 -6.86 -28.71
C LEU A 33 -14.59 -5.90 -29.67
N VAL A 34 -13.33 -6.18 -30.01
CA VAL A 34 -12.57 -5.27 -30.87
C VAL A 34 -12.94 -5.48 -32.33
N SER A 35 -13.11 -6.73 -32.75
CA SER A 35 -13.21 -7.07 -34.17
C SER A 35 -14.58 -7.45 -34.67
N ASP A 36 -15.49 -7.91 -33.80
CA ASP A 36 -16.83 -8.28 -34.28
C ASP A 36 -17.86 -7.99 -33.21
N PRO A 37 -18.00 -6.71 -32.83
CA PRO A 37 -18.77 -6.39 -31.64
C PRO A 37 -20.23 -6.69 -31.74
N ASN A 38 -20.77 -6.85 -32.95
CA ASN A 38 -22.19 -7.16 -33.03
C ASN A 38 -22.49 -8.60 -32.66
N LYS A 39 -21.46 -9.42 -32.40
CA LYS A 39 -21.62 -10.76 -31.84
C LYS A 39 -21.39 -10.81 -30.34
N ALA A 40 -20.96 -9.70 -29.74
CA ALA A 40 -20.60 -9.70 -28.33
C ALA A 40 -21.82 -9.43 -27.45
N ASN A 41 -21.69 -9.82 -26.18
CA ASN A 41 -22.69 -9.51 -25.17
C ASN A 41 -23.02 -8.03 -25.19
N SER A 42 -24.34 -7.71 -25.18
CA SER A 42 -24.80 -6.34 -25.37
CA SER A 42 -24.80 -6.34 -25.37
C SER A 42 -24.41 -5.43 -24.20
N PHE A 43 -24.34 -5.98 -22.99
CA PHE A 43 -23.96 -5.17 -21.83
C PHE A 43 -22.48 -4.80 -21.96
N ALA A 44 -21.64 -5.80 -22.24
CA ALA A 44 -20.22 -5.52 -22.44
C ALA A 44 -19.97 -4.57 -23.61
N ALA A 45 -20.67 -4.81 -24.74
CA ALA A 45 -20.43 -3.97 -25.93
C ALA A 45 -20.80 -2.52 -25.67
N TYR A 46 -21.87 -2.29 -24.92
CA TYR A 46 -22.28 -0.93 -24.58
C TYR A 46 -21.26 -0.25 -23.66
N VAL A 47 -20.83 -0.93 -22.59
CA VAL A 47 -19.89 -0.35 -21.64
C VAL A 47 -18.60 0.04 -22.33
N PHE A 48 -18.07 -0.86 -23.16
CA PHE A 48 -16.75 -0.64 -23.76
C PHE A 48 -16.81 0.20 -25.03
N GLY A 49 -17.98 0.74 -25.35
CA GLY A 49 -18.07 1.68 -26.46
C GLY A 49 -18.10 1.04 -27.82
N ALA A 50 -18.35 -0.26 -27.91
CA ALA A 50 -18.35 -0.96 -29.18
C ALA A 50 -19.70 -0.96 -29.86
N SER A 51 -20.76 -0.64 -29.11
CA SER A 51 -22.10 -0.48 -29.65
C SER A 51 -22.81 0.62 -28.89
N ASP A 52 -23.71 1.31 -29.57
CA ASP A 52 -24.58 2.28 -28.89
C ASP A 52 -25.93 1.68 -28.51
N LYS A 53 -26.16 0.39 -28.78
CA LYS A 53 -27.41 -0.24 -28.41
C LYS A 53 -27.43 -0.54 -26.91
N LYS A 54 -28.49 -0.11 -26.24
CA LYS A 54 -28.54 -0.28 -24.78
C LYS A 54 -28.83 -1.73 -24.42
N PRO A 55 -28.21 -2.25 -23.35
CA PRO A 55 -28.59 -3.59 -22.87
C PRO A 55 -29.96 -3.55 -22.20
N SER A 56 -30.58 -4.71 -22.18
CA SER A 56 -31.83 -4.86 -21.46
C SER A 56 -31.57 -5.08 -19.97
N VAL A 57 -32.63 -4.91 -19.16
CA VAL A 57 -32.54 -5.28 -17.75
C VAL A 57 -32.12 -6.75 -17.60
N ASP A 58 -32.68 -7.63 -18.42
CA ASP A 58 -32.35 -9.05 -18.30
C ASP A 58 -30.87 -9.29 -18.61
N ASP A 59 -30.34 -8.61 -19.61
CA ASP A 59 -28.90 -8.71 -19.91
C ASP A 59 -28.07 -8.37 -18.68
N ILE A 60 -28.47 -7.35 -17.95
CA ILE A 60 -27.71 -6.94 -16.77
C ILE A 60 -27.78 -8.03 -15.71
N VAL A 61 -29.00 -8.50 -15.40
CA VAL A 61 -29.18 -9.54 -14.39
C VAL A 61 -28.39 -10.79 -14.74
N GLN A 62 -28.42 -11.23 -16.02
CA GLN A 62 -27.73 -12.48 -16.36
C GLN A 62 -26.21 -12.32 -16.25
N LEU A 64 -24.73 -10.37 -14.00
CA LEU A 64 -24.48 -10.34 -12.57
C LEU A 64 -24.63 -11.73 -11.92
N PHE A 65 -25.53 -12.58 -12.42
CA PHE A 65 -25.86 -13.86 -11.82
C PHE A 65 -25.82 -14.96 -12.88
N PRO A 66 -24.62 -15.26 -13.39
CA PRO A 66 -24.52 -16.37 -14.35
C PRO A 66 -24.92 -17.70 -13.72
N SER A 67 -25.37 -18.62 -14.57
CA SER A 67 -25.69 -19.94 -14.10
C SER A 67 -24.51 -20.52 -13.32
N GLY A 68 -24.78 -21.14 -12.19
CA GLY A 68 -23.74 -21.72 -11.39
C GLY A 68 -23.10 -20.80 -10.38
N SER A 69 -23.56 -19.54 -10.30
CA SER A 69 -23.02 -18.61 -9.31
C SER A 69 -23.06 -19.20 -7.90
N ASP A 70 -21.96 -19.06 -7.15
CA ASP A 70 -21.93 -19.47 -5.76
C ASP A 70 -22.35 -18.32 -4.85
N SER A 71 -22.40 -18.59 -3.53
CA SER A 71 -22.96 -17.62 -2.59
C SER A 71 -22.17 -16.30 -2.56
N GLY A 72 -20.85 -16.37 -2.67
CA GLY A 72 -20.04 -15.17 -2.72
C GLY A 72 -20.36 -14.30 -3.92
N THR A 73 -20.50 -14.91 -5.11
CA THR A 73 -20.89 -14.19 -6.31
C THR A 73 -22.25 -13.56 -6.16
N ILE A 74 -23.18 -14.31 -5.59
CA ILE A 74 -24.53 -13.80 -5.40
C ILE A 74 -24.52 -12.60 -4.47
N LEU A 75 -23.83 -12.70 -3.32
CA LEU A 75 -23.82 -11.59 -2.37
C LEU A 75 -23.19 -10.32 -2.98
N THR A 76 -22.14 -10.50 -3.77
CA THR A 76 -21.49 -9.35 -4.40
C THR A 76 -22.43 -8.70 -5.39
N SER A 77 -23.07 -9.51 -6.21
CA SER A 77 -23.98 -8.96 -7.19
C SER A 77 -25.22 -8.37 -6.56
N ASP A 79 -25.09 -6.54 -3.85
CA ASP A 79 -24.61 -5.17 -3.66
C ASP A 79 -24.83 -4.35 -4.92
N THR A 80 -24.48 -4.92 -6.07
CA THR A 80 -24.66 -4.20 -7.34
C THR A 80 -26.12 -3.89 -7.60
N LEU A 81 -27.02 -4.84 -7.32
CA LEU A 81 -28.45 -4.58 -7.46
C LEU A 81 -28.88 -3.38 -6.62
N LEU A 82 -28.40 -3.30 -5.38
CA LEU A 82 -28.80 -2.18 -4.51
C LEU A 82 -28.30 -0.85 -5.08
N ALA A 83 -27.06 -0.83 -5.56
CA ALA A 83 -26.51 0.38 -6.17
C ALA A 83 -27.27 0.79 -7.41
N LEU A 84 -27.79 -0.19 -8.18
CA LEU A 84 -28.55 0.14 -9.38
C LEU A 84 -29.91 0.72 -9.06
N GLY A 85 -30.45 0.42 -7.89
CA GLY A 85 -31.63 1.11 -7.43
C GLY A 85 -32.88 0.27 -7.34
N PRO A 86 -33.98 0.95 -7.02
CA PRO A 86 -35.25 0.26 -6.75
C PRO A 86 -35.78 -0.60 -7.89
N ASP A 87 -35.43 -0.28 -9.15
CA ASP A 87 -35.82 -1.16 -10.26
C ASP A 87 -35.41 -2.61 -10.02
N PHE A 88 -34.37 -2.84 -9.21
CA PHE A 88 -33.79 -4.16 -9.05
C PHE A 88 -34.12 -4.77 -7.69
N LEU A 89 -34.95 -4.11 -6.89
CA LEU A 89 -35.24 -4.59 -5.53
C LEU A 89 -35.98 -5.92 -5.53
N THR A 90 -36.87 -6.18 -6.49
CA THR A 90 -37.55 -7.48 -6.50
C THR A 90 -36.58 -8.59 -6.78
N GLU A 91 -35.62 -8.35 -7.68
CA GLU A 91 -34.58 -9.32 -7.93
C GLU A 91 -33.76 -9.56 -6.66
N PHE A 92 -33.41 -8.48 -5.96
CA PHE A 92 -32.66 -8.57 -4.70
C PHE A 92 -33.41 -9.44 -3.69
N LYS A 93 -34.72 -9.22 -3.54
CA LYS A 93 -35.49 -9.96 -2.55
C LYS A 93 -35.58 -11.45 -2.88
N LYS A 94 -35.78 -11.79 -4.16
CA LYS A 94 -35.77 -13.18 -4.59
C LYS A 94 -34.45 -13.85 -4.29
N ARG A 95 -33.33 -13.18 -4.57
CA ARG A 95 -32.02 -13.78 -4.32
C ARG A 95 -31.80 -13.94 -2.82
N ASN A 96 -32.29 -12.99 -2.00
CA ASN A 96 -32.09 -13.06 -0.55
C ASN A 96 -32.96 -14.17 0.05
N GLN A 97 -34.20 -14.32 -0.46
CA GLN A 97 -35.06 -15.40 0.02
C GLN A 97 -34.43 -16.76 -0.25
N ASP A 98 -33.84 -16.96 -1.43
CA ASP A 98 -33.15 -18.21 -1.71
C ASP A 98 -31.96 -18.45 -0.77
N LEU A 99 -31.19 -17.40 -0.45
CA LEU A 99 -30.04 -17.61 0.42
C LEU A 99 -30.44 -18.08 1.80
N ALA A 100 -31.65 -17.70 2.25
CA ALA A 100 -32.04 -17.97 3.65
C ALA A 100 -32.15 -19.45 3.91
N ARG A 101 -32.45 -20.25 2.88
CA ARG A 101 -32.52 -21.69 3.04
C ARG A 101 -31.20 -22.25 3.52
N PHE A 102 -30.09 -21.60 3.15
CA PHE A 102 -28.74 -21.99 3.53
C PHE A 102 -28.23 -21.23 4.74
N ASN A 103 -29.11 -20.50 5.44
CA ASN A 103 -28.75 -19.67 6.59
C ASN A 103 -27.84 -18.50 6.22
N LEU A 104 -27.94 -18.02 4.98
CA LEU A 104 -27.17 -16.88 4.49
C LEU A 104 -28.11 -15.72 4.21
N THR A 105 -27.56 -14.50 4.28
CA THR A 105 -28.35 -13.31 3.98
C THR A 105 -27.41 -12.19 3.59
N HIS A 106 -27.98 -11.23 2.86
CA HIS A 106 -27.28 -9.97 2.64
C HIS A 106 -27.28 -9.11 3.91
N ASP A 107 -26.16 -8.46 4.21
CA ASP A 107 -26.02 -7.71 5.47
C ASP A 107 -26.86 -6.43 5.53
N LEU A 108 -27.42 -5.97 4.40
CA LEU A 108 -28.31 -4.81 4.36
C LEU A 108 -29.76 -5.24 4.12
N SER A 109 -30.09 -6.47 4.46
CA SER A 109 -31.44 -7.00 4.32
C SER A 109 -32.53 -6.11 4.92
N ILE A 110 -32.21 -5.27 5.91
CA ILE A 110 -33.25 -4.42 6.48
C ILE A 110 -33.90 -3.51 5.42
N LEU A 111 -33.20 -3.27 4.31
CA LEU A 111 -33.74 -2.45 3.23
C LEU A 111 -34.93 -3.09 2.53
N ALA A 112 -35.03 -4.41 2.58
CA ALA A 112 -36.08 -5.15 1.91
C ALA A 112 -37.24 -5.49 2.82
N GLN A 113 -37.23 -4.99 4.06
CA GLN A 113 -38.14 -5.45 5.10
C GLN A 113 -39.17 -4.39 5.49
N GLY A 114 -39.61 -3.58 4.52
CA GLY A 114 -40.53 -2.50 4.83
C GLY A 114 -39.88 -1.45 5.72
N ASP A 115 -40.67 -0.42 6.02
CA ASP A 115 -40.17 0.79 6.67
C ASP A 115 -38.78 1.15 6.15
N GLU A 116 -38.70 1.27 4.82
CA GLU A 116 -37.43 1.56 4.16
C GLU A 116 -36.85 2.88 4.65
N ASP A 117 -37.70 3.86 4.94
CA ASP A 117 -37.20 5.18 5.33
C ASP A 117 -36.45 5.11 6.66
N ALA A 118 -37.06 4.46 7.65
CA ALA A 118 -36.40 4.31 8.95
C ALA A 118 -35.10 3.54 8.82
N ALA A 119 -35.08 2.50 7.97
CA ALA A 119 -33.86 1.76 7.78
C ALA A 119 -32.79 2.64 7.17
N LYS A 120 -33.18 3.53 6.25
CA LYS A 120 -32.16 4.36 5.60
C LYS A 120 -31.59 5.41 6.56
N LYS A 121 -32.37 5.93 7.50
CA LYS A 121 -31.80 6.83 8.51
C LYS A 121 -30.77 6.12 9.41
N LYS A 122 -31.07 4.89 9.84
CA LYS A 122 -30.10 4.09 10.60
C LYS A 122 -28.89 3.75 9.73
N LEU A 123 -29.13 3.40 8.47
CA LEU A 123 -28.03 3.07 7.59
C LEU A 123 -27.17 4.28 7.32
N ASN A 124 -27.76 5.47 7.23
CA ASN A 124 -26.95 6.69 7.03
C ASN A 124 -25.90 6.82 8.12
N LEU A 125 -26.31 6.64 9.37
CA LEU A 125 -25.35 6.78 10.48
C LEU A 125 -24.31 5.67 10.44
N GLY A 127 -23.20 4.12 7.77
CA GLY A 127 -22.31 4.37 6.66
C GLY A 127 -21.28 5.44 6.98
N ARG A 128 -21.69 6.50 7.70
CA ARG A 128 -20.75 7.53 8.08
C ARG A 128 -19.64 6.97 8.96
N LYS A 129 -19.98 6.08 9.89
CA LYS A 129 -18.95 5.48 10.73
C LYS A 129 -18.09 4.47 9.95
N ALA A 130 -18.70 3.73 9.01
CA ALA A 130 -17.96 2.77 8.21
C ALA A 130 -16.88 3.44 7.38
N LYS A 131 -17.20 4.62 6.81
CA LYS A 131 -16.23 5.33 5.98
C LYS A 131 -14.96 5.68 6.76
N LEU A 132 -15.09 5.89 8.07
CA LEU A 132 -13.95 6.25 8.92
C LEU A 132 -13.09 5.06 9.30
N GLN A 133 -13.52 3.83 8.99
CA GLN A 133 -12.67 2.68 9.18
C GLN A 133 -11.60 2.62 8.10
N LYS A 134 -10.55 1.85 8.39
CA LYS A 134 -9.35 1.86 7.56
C LYS A 134 -9.29 0.74 6.50
N THR A 135 -10.37 0.01 6.30
CA THR A 135 -10.37 -1.10 5.36
C THR A 135 -11.11 -0.78 4.07
N GLU A 136 -10.70 -1.45 2.98
CA GLU A 136 -11.45 -1.31 1.74
C GLU A 136 -12.89 -1.81 1.91
N ALA A 137 -13.08 -2.90 2.63
CA ALA A 137 -14.41 -3.47 2.78
C ALA A 137 -15.37 -2.46 3.41
N ALA A 138 -14.91 -1.75 4.44
CA ALA A 138 -15.80 -0.80 5.10
C ALA A 138 -16.08 0.40 4.21
N LYS A 139 -15.07 0.85 3.47
CA LYS A 139 -15.25 2.00 2.58
C LYS A 139 -16.21 1.67 1.43
N ILE A 140 -16.17 0.44 0.92
CA ILE A 140 -17.15 0.06 -0.11
C ILE A 140 -18.55 0.11 0.47
N LEU A 141 -18.76 -0.49 1.65
CA LEU A 141 -20.06 -0.46 2.30
C LEU A 141 -20.57 0.97 2.48
N ALA A 142 -19.69 1.88 2.90
CA ALA A 142 -20.07 3.28 3.10
C ALA A 142 -20.56 3.89 1.78
N ILE A 143 -19.80 3.69 0.70
CA ILE A 143 -20.20 4.25 -0.60
C ILE A 143 -21.53 3.67 -1.05
N LEU A 144 -21.72 2.36 -0.84
CA LEU A 144 -22.97 1.71 -1.22
C LEU A 144 -24.15 2.33 -0.48
N ILE A 145 -24.01 2.49 0.84
CA ILE A 145 -25.07 3.11 1.64
C ILE A 145 -25.36 4.53 1.15
N LYS A 146 -24.32 5.34 0.92
CA LYS A 146 -24.54 6.71 0.46
C LYS A 146 -25.23 6.75 -0.90
N THR A 147 -24.94 5.78 -1.76
CA THR A 147 -25.57 5.68 -3.07
C THR A 147 -27.05 5.31 -2.95
N ILE A 148 -27.33 4.30 -2.12
CA ILE A 148 -28.70 3.89 -1.85
C ILE A 148 -29.53 5.04 -1.31
N ASN A 149 -28.95 5.86 -0.45
CA ASN A 149 -29.67 6.93 0.22
C ASN A 149 -29.76 8.20 -0.60
N SER A 150 -29.21 8.20 -1.81
CA SER A 150 -29.29 9.36 -2.69
C SER A 150 -30.65 9.40 -3.36
N GLU A 151 -31.25 10.57 -3.37
CA GLU A 151 -32.54 10.67 -4.06
C GLU A 151 -32.36 11.05 -5.52
N GLU A 152 -31.57 12.07 -5.78
CA GLU A 152 -31.47 12.62 -7.12
C GLU A 152 -30.24 12.08 -7.84
N ASN A 153 -30.31 12.08 -9.17
CA ASN A 153 -29.23 11.50 -9.97
C ASN A 153 -27.89 12.22 -9.76
N TYR A 154 -27.91 13.54 -9.59
CA TYR A 154 -26.65 14.25 -9.40
C TYR A 154 -25.99 13.83 -8.09
N GLU A 155 -26.79 13.70 -7.04
CA GLU A 155 -26.29 13.19 -5.76
C GLU A 155 -25.78 11.76 -5.91
N LYS A 156 -26.53 10.90 -6.60
CA LYS A 156 -26.08 9.52 -6.80
C LYS A 156 -24.73 9.49 -7.51
N PHE A 157 -24.58 10.32 -8.55
CA PHE A 157 -23.31 10.40 -9.24
C PHE A 157 -22.19 10.89 -8.33
N THR A 158 -22.47 11.90 -7.50
CA THR A 158 -21.45 12.41 -6.57
C THR A 158 -21.00 11.32 -5.60
N GLU A 159 -21.93 10.54 -5.06
CA GLU A 159 -21.55 9.47 -4.12
C GLU A 159 -20.82 8.31 -4.83
N LEU A 160 -21.29 7.89 -6.03
CA LEU A 160 -20.59 6.84 -6.75
C LEU A 160 -19.19 7.28 -7.18
N SER A 161 -18.99 8.57 -7.41
CA SER A 161 -17.66 9.07 -7.75
C SER A 161 -16.62 8.72 -6.69
N GLU A 162 -17.03 8.56 -5.43
CA GLU A 162 -16.09 8.18 -4.37
C GLU A 162 -15.42 6.84 -4.65
N LEU A 163 -16.01 5.98 -5.49
CA LEU A 163 -15.36 4.72 -5.87
C LEU A 163 -13.98 4.98 -6.47
N CYS A 164 -13.79 6.13 -7.11
CA CYS A 164 -12.49 6.42 -7.70
C CYS A 164 -11.40 6.53 -6.63
N GLY A 165 -11.77 6.87 -5.40
CA GLY A 165 -10.79 6.93 -4.32
C GLY A 165 -10.23 5.58 -3.93
N LEU A 166 -10.91 4.50 -4.32
CA LEU A 166 -10.47 3.10 -4.15
C LEU A 166 -9.93 2.54 -5.46
N ASP A 167 -9.70 3.40 -6.46
CA ASP A 167 -9.29 2.99 -7.79
C ASP A 167 -10.31 2.03 -8.40
N LEU A 168 -11.58 2.28 -8.10
CA LEU A 168 -12.71 1.58 -8.71
C LEU A 168 -13.39 2.45 -9.78
N ASP A 169 -12.56 3.19 -10.52
CA ASP A 169 -13.04 4.01 -11.62
C ASP A 169 -13.85 3.20 -12.62
N PHE A 170 -13.47 1.94 -12.85
CA PHE A 170 -14.25 1.09 -13.77
C PHE A 170 -15.71 1.00 -13.33
N ASP A 171 -15.91 0.69 -12.05
CA ASP A 171 -17.26 0.54 -11.52
C ASP A 171 -18.03 1.87 -11.59
N ALA A 172 -17.38 2.97 -11.21
CA ALA A 172 -18.03 4.28 -11.31
C ALA A 172 -18.48 4.54 -12.74
N TYR A 173 -17.65 4.17 -13.71
CA TYR A 173 -18.00 4.40 -15.10
C TYR A 173 -19.14 3.49 -15.54
N VAL A 174 -19.11 2.22 -15.14
CA VAL A 174 -20.18 1.30 -15.54
C VAL A 174 -21.51 1.78 -14.96
N PHE A 175 -21.53 2.17 -13.68
CA PHE A 175 -22.77 2.69 -13.10
C PHE A 175 -23.23 3.94 -13.85
N THR A 176 -22.32 4.86 -14.13
CA THR A 176 -22.67 6.06 -14.87
C THR A 176 -23.36 5.71 -16.18
N LYS A 177 -22.78 4.77 -16.91
CA LYS A 177 -23.30 4.37 -18.21
C LYS A 177 -24.68 3.75 -18.10
N ILE A 178 -24.83 2.79 -17.17
CA ILE A 178 -26.06 2.02 -17.07
C ILE A 178 -27.19 2.87 -16.48
N LEU A 179 -26.87 3.79 -15.57
CA LEU A 179 -27.89 4.59 -14.89
C LEU A 179 -28.14 5.93 -15.59
N GLY A 180 -27.42 6.22 -16.66
CA GLY A 180 -27.61 7.45 -17.41
C GLY A 180 -27.26 8.72 -16.64
N LEU A 181 -26.16 8.68 -15.88
CA LEU A 181 -25.76 9.79 -15.04
C LEU A 181 -24.93 10.85 -15.76
N GLU A 182 -24.52 10.62 -17.00
CA GLU A 182 -23.77 11.61 -17.76
C GLU A 182 -24.73 12.60 -18.39
N ASP A 183 -24.60 13.87 -18.03
CA ASP A 183 -25.38 14.94 -18.66
C ASP A 183 -24.54 16.22 -18.62
N GLU A 184 -25.17 17.36 -18.97
CA GLU A 184 -24.39 18.60 -19.08
C GLU A 184 -23.73 18.96 -17.76
N ASP A 185 -24.31 18.58 -16.64
CA ASP A 185 -23.78 18.94 -15.34
C ASP A 185 -22.63 18.03 -14.89
N THR A 186 -22.55 16.82 -15.41
CA THR A 186 -21.56 15.86 -14.94
C THR A 186 -20.52 15.47 -15.99
N ALA A 187 -20.67 15.91 -17.24
CA ALA A 187 -19.88 15.37 -18.34
C ALA A 187 -18.38 15.55 -18.15
N ASP A 188 -17.94 16.68 -17.61
CA ASP A 188 -16.51 16.87 -17.48
C ASP A 188 -15.93 15.90 -16.44
N GLU A 189 -16.69 15.66 -15.37
CA GLU A 189 -16.25 14.69 -14.37
C GLU A 189 -16.27 13.26 -14.93
N VAL A 190 -17.29 12.92 -15.72
CA VAL A 190 -17.34 11.59 -16.33
C VAL A 190 -16.13 11.38 -17.22
N GLU A 191 -15.68 12.43 -17.90
CA GLU A 191 -14.51 12.32 -18.76
C GLU A 191 -13.27 11.98 -17.95
N VAL A 192 -13.10 12.56 -16.75
CA VAL A 192 -11.97 12.24 -15.89
C VAL A 192 -12.03 10.78 -15.44
N ILE A 193 -13.23 10.34 -15.00
CA ILE A 193 -13.40 8.94 -14.58
C ILE A 193 -13.04 7.99 -15.70
N ARG A 194 -13.60 8.23 -16.90
CA ARG A 194 -13.31 7.38 -18.05
C ARG A 194 -11.82 7.35 -18.33
N ASP A 195 -11.18 8.53 -18.35
CA ASP A 195 -9.76 8.61 -18.63
C ASP A 195 -8.93 7.91 -17.56
N ASN A 196 -9.35 7.97 -16.29
CA ASN A 196 -8.63 7.24 -15.24
C ASN A 196 -8.64 5.75 -15.53
N PHE A 197 -9.80 5.22 -15.93
CA PHE A 197 -9.88 3.80 -16.22
C PHE A 197 -9.04 3.46 -17.45
N LEU A 198 -9.17 4.26 -18.50
CA LEU A 198 -8.45 3.99 -19.74
C LEU A 198 -6.94 4.08 -19.55
N ASN A 199 -6.48 4.94 -18.64
CA ASN A 199 -5.04 5.02 -18.41
C ASN A 199 -4.50 3.68 -17.90
N ARG A 200 -5.30 2.96 -17.12
CA ARG A 200 -4.94 1.63 -16.67
C ARG A 200 -5.16 0.57 -17.75
N LEU A 201 -6.31 0.60 -18.44
CA LEU A 201 -6.59 -0.42 -19.43
C LEU A 201 -5.61 -0.35 -20.61
N ASP A 202 -5.15 0.86 -20.95
CA ASP A 202 -4.12 1.04 -21.98
C ASP A 202 -2.90 0.17 -21.73
N GLN A 203 -2.61 -0.12 -20.45
CA GLN A 203 -1.40 -0.84 -20.08
C GLN A 203 -1.49 -2.33 -20.40
N THR A 204 -2.72 -2.90 -20.43
CA THR A 204 -2.94 -4.32 -20.62
C THR A 204 -3.68 -4.65 -21.91
N LYS A 205 -4.62 -3.80 -22.34
CA LYS A 205 -5.52 -4.10 -23.46
C LYS A 205 -5.70 -2.82 -24.27
N PRO A 206 -4.64 -2.34 -24.90
CA PRO A 206 -4.74 -1.07 -25.61
C PRO A 206 -5.72 -1.04 -26.77
N LYS A 207 -5.96 -2.15 -27.48
CA LYS A 207 -6.92 -2.08 -28.58
C LYS A 207 -8.34 -1.93 -28.06
N LEU A 208 -8.66 -2.64 -26.98
CA LEU A 208 -9.98 -2.46 -26.36
C LEU A 208 -10.12 -1.06 -25.78
N ALA A 209 -9.06 -0.54 -25.14
CA ALA A 209 -9.12 0.82 -24.64
C ALA A 209 -9.38 1.82 -25.76
N ASP A 210 -8.81 1.57 -26.95
CA ASP A 210 -8.99 2.47 -28.09
C ASP A 210 -10.44 2.50 -28.56
N ILE A 211 -11.11 1.35 -28.54
CA ILE A 211 -12.54 1.30 -28.83
C ILE A 211 -13.31 2.17 -27.85
N ARG A 213 -12.24 4.65 -26.06
CA ARG A 213 -11.87 6.05 -26.17
C ARG A 213 -12.51 6.70 -27.37
N ASN A 214 -12.55 5.98 -28.48
CA ASN A 214 -13.10 6.46 -29.74
C ASN A 214 -14.34 5.63 -30.01
N GLY A 215 -14.24 4.54 -30.76
CA GLY A 215 -15.37 3.67 -31.03
C GLY A 215 -14.96 2.38 -31.70
N ASP B 2 1.24 -7.29 -25.16
CA ASP B 2 2.13 -6.85 -26.25
C ASP B 2 3.13 -5.83 -25.72
N THR B 3 4.11 -6.34 -24.97
CA THR B 3 5.07 -5.49 -24.27
C THR B 3 6.31 -6.28 -23.89
N ASN B 4 7.42 -5.56 -23.72
CA ASN B 4 8.67 -6.17 -23.25
C ASN B 4 8.86 -6.04 -21.73
N LYS B 5 7.96 -5.37 -21.02
CA LYS B 5 8.15 -5.11 -19.59
C LYS B 5 7.69 -6.32 -18.76
N ARG B 6 8.39 -6.60 -17.65
CA ARG B 6 7.95 -7.61 -16.69
C ARG B 6 6.84 -7.02 -15.83
N GLU B 7 5.64 -7.58 -15.92
CA GLU B 7 4.47 -7.05 -15.23
C GLU B 7 3.72 -8.16 -14.52
N ILE B 8 3.40 -7.93 -13.24
CA ILE B 8 2.50 -8.82 -12.51
C ILE B 8 1.07 -8.65 -13.00
N VAL B 9 0.33 -9.75 -13.11
CA VAL B 9 -1.06 -9.71 -13.51
C VAL B 9 -1.89 -10.39 -12.45
N GLU B 10 -3.20 -10.15 -12.51
CA GLU B 10 -4.10 -10.77 -11.56
C GLU B 10 -5.41 -11.17 -12.25
N PHE B 11 -5.93 -12.32 -11.85
CA PHE B 11 -7.24 -12.82 -12.27
C PHE B 11 -7.97 -13.28 -11.02
N LEU B 12 -9.03 -12.58 -10.64
CA LEU B 12 -9.95 -13.01 -9.55
C LEU B 12 -9.24 -13.65 -8.34
N GLY B 13 -8.42 -12.88 -7.71
CA GLY B 13 -7.76 -13.32 -6.51
C GLY B 13 -6.42 -13.98 -6.69
N ILE B 14 -6.03 -14.32 -7.92
CA ILE B 14 -4.78 -15.02 -8.19
C ILE B 14 -3.81 -14.03 -8.83
N ARG B 15 -2.81 -13.63 -8.08
CA ARG B 15 -1.77 -12.69 -8.48
C ARG B 15 -0.54 -13.48 -8.88
N THR B 16 -0.01 -13.18 -10.07
CA THR B 16 1.06 -13.99 -10.64
C THR B 16 1.92 -13.15 -11.57
N TYR B 17 3.21 -13.50 -11.60
CA TYR B 17 4.10 -13.08 -12.68
C TYR B 17 4.40 -14.24 -13.63
N PHE B 18 4.82 -15.37 -13.08
CA PHE B 18 5.39 -16.47 -13.85
C PHE B 18 4.35 -17.39 -14.50
N PHE B 19 3.09 -17.36 -14.04
CA PHE B 19 2.07 -18.34 -14.44
C PHE B 19 0.74 -17.69 -14.82
N PRO B 20 0.74 -16.70 -15.70
CA PRO B 20 -0.51 -15.99 -16.04
C PRO B 20 -1.56 -16.87 -16.68
N ASN B 21 -1.18 -17.77 -17.58
CA ASN B 21 -2.20 -18.60 -18.23
CA ASN B 21 -2.18 -18.62 -18.23
C ASN B 21 -2.77 -19.62 -17.25
N LEU B 22 -1.95 -20.13 -16.33
CA LEU B 22 -2.42 -21.06 -15.31
C LEU B 22 -3.44 -20.38 -14.38
N ALA B 23 -3.16 -19.14 -13.97
CA ALA B 23 -4.09 -18.40 -13.13
C ALA B 23 -5.44 -18.22 -13.84
N LEU B 24 -5.42 -17.78 -15.09
CA LEU B 24 -6.66 -17.63 -15.85
C LEU B 24 -7.35 -18.96 -16.07
N TYR B 25 -6.59 -20.02 -16.35
CA TYR B 25 -7.19 -21.35 -16.51
C TYR B 25 -7.99 -21.74 -15.27
N ALA B 26 -7.43 -21.51 -14.08
CA ALA B 26 -8.09 -21.90 -12.84
C ALA B 26 -9.37 -21.09 -12.61
N VAL B 27 -9.37 -19.82 -12.99
CA VAL B 27 -10.55 -18.97 -12.87
C VAL B 27 -11.64 -19.40 -13.84
N ASN B 28 -11.27 -19.74 -15.09
CA ASN B 28 -12.23 -20.16 -16.10
C ASN B 28 -12.69 -21.61 -15.97
N ASN B 29 -11.94 -22.46 -15.28
CA ASN B 29 -12.24 -23.89 -15.24
C ASN B 29 -12.22 -24.45 -13.82
N ASP B 30 -12.52 -23.61 -12.82
CA ASP B 30 -12.56 -24.14 -11.47
C ASP B 30 -13.58 -25.25 -11.31
N GLU B 31 -14.67 -25.21 -12.09
CA GLU B 31 -15.66 -26.27 -11.96
C GLU B 31 -15.10 -27.63 -12.41
N LEU B 32 -14.14 -27.63 -13.34
CA LEU B 32 -13.47 -28.88 -13.70
C LEU B 32 -12.50 -29.32 -12.62
N LEU B 33 -11.73 -28.38 -12.07
CA LEU B 33 -10.81 -28.73 -11.01
C LEU B 33 -11.54 -29.29 -9.79
N VAL B 34 -12.73 -28.74 -9.50
CA VAL B 34 -13.48 -29.18 -8.33
C VAL B 34 -14.29 -30.43 -8.63
N SER B 35 -14.99 -30.48 -9.77
CA SER B 35 -16.00 -31.51 -9.99
C SER B 35 -15.72 -32.47 -11.13
N ASP B 36 -14.70 -32.24 -11.97
CA ASP B 36 -14.32 -33.18 -13.03
C ASP B 36 -12.80 -33.16 -13.18
N PRO B 37 -12.09 -33.45 -12.09
CA PRO B 37 -10.63 -33.22 -12.08
C PRO B 37 -9.89 -34.03 -13.12
N ASN B 38 -10.41 -35.19 -13.53
CA ASN B 38 -9.76 -36.00 -14.55
C ASN B 38 -9.81 -35.38 -15.95
N LYS B 39 -10.66 -34.38 -16.17
CA LYS B 39 -10.67 -33.66 -17.45
C LYS B 39 -9.88 -32.37 -17.42
N ALA B 40 -9.45 -31.90 -16.25
CA ALA B 40 -8.68 -30.67 -16.19
C ALA B 40 -7.24 -30.90 -16.65
N ASN B 41 -6.63 -29.83 -17.16
CA ASN B 41 -5.20 -29.85 -17.46
C ASN B 41 -4.43 -30.45 -16.29
N SER B 42 -3.52 -31.38 -16.60
CA SER B 42 -2.87 -32.14 -15.53
CA SER B 42 -2.88 -32.14 -15.52
C SER B 42 -1.93 -31.28 -14.68
N PHE B 43 -1.37 -30.22 -15.27
CA PHE B 43 -0.52 -29.30 -14.49
C PHE B 43 -1.36 -28.54 -13.48
N ALA B 44 -2.46 -27.94 -13.92
CA ALA B 44 -3.40 -27.28 -13.02
C ALA B 44 -3.91 -28.24 -11.95
N ALA B 45 -4.29 -29.45 -12.34
CA ALA B 45 -4.85 -30.38 -11.37
C ALA B 45 -3.85 -30.71 -10.28
N TYR B 46 -2.58 -30.90 -10.65
CA TYR B 46 -1.56 -31.21 -9.65
C TYR B 46 -1.32 -30.03 -8.72
N VAL B 47 -1.19 -28.82 -9.27
CA VAL B 47 -0.92 -27.62 -8.47
C VAL B 47 -2.01 -27.40 -7.42
N PHE B 48 -3.27 -27.51 -7.82
CA PHE B 48 -4.40 -27.20 -6.96
C PHE B 48 -4.83 -28.39 -6.11
N GLY B 49 -4.11 -29.50 -6.16
CA GLY B 49 -4.34 -30.62 -5.26
C GLY B 49 -5.52 -31.46 -5.63
N ALA B 50 -6.01 -31.33 -6.87
CA ALA B 50 -7.11 -32.13 -7.38
C ALA B 50 -6.65 -33.51 -7.84
N SER B 51 -5.36 -33.68 -8.09
CA SER B 51 -4.76 -34.95 -8.47
C SER B 51 -3.36 -35.05 -7.93
N ASP B 52 -2.92 -36.28 -7.64
CA ASP B 52 -1.53 -36.54 -7.27
C ASP B 52 -0.70 -37.02 -8.44
N LYS B 53 -1.27 -37.10 -9.63
CA LYS B 53 -0.52 -37.46 -10.82
C LYS B 53 0.38 -36.30 -11.24
N LYS B 54 1.66 -36.58 -11.39
CA LYS B 54 2.58 -35.52 -11.77
C LYS B 54 2.36 -35.16 -13.23
N PRO B 55 2.46 -33.88 -13.59
CA PRO B 55 2.31 -33.49 -15.00
C PRO B 55 3.60 -33.74 -15.77
N SER B 56 3.44 -33.88 -17.08
CA SER B 56 4.57 -34.03 -17.99
C SER B 56 5.16 -32.68 -18.37
N VAL B 57 6.39 -32.71 -18.87
CA VAL B 57 7.02 -31.49 -19.39
C VAL B 57 6.14 -30.83 -20.44
N ASP B 58 5.37 -31.62 -21.20
CA ASP B 58 4.56 -31.09 -22.29
C ASP B 58 3.24 -30.50 -21.77
N ASP B 59 2.62 -31.13 -20.77
CA ASP B 59 1.49 -30.50 -20.09
C ASP B 59 1.87 -29.11 -19.61
N ILE B 60 3.07 -28.98 -19.05
CA ILE B 60 3.54 -27.71 -18.52
C ILE B 60 3.77 -26.73 -19.66
N VAL B 61 4.46 -27.17 -20.72
CA VAL B 61 4.81 -26.23 -21.78
C VAL B 61 3.56 -25.70 -22.47
N GLN B 62 2.54 -26.56 -22.64
CA GLN B 62 1.28 -26.11 -23.22
C GLN B 62 0.62 -25.01 -22.39
N LEU B 64 2.33 -22.90 -20.46
CA LEU B 64 3.18 -21.72 -20.55
C LEU B 64 3.06 -21.01 -21.89
N PHE B 65 2.86 -21.76 -22.97
CA PHE B 65 2.87 -21.22 -24.33
C PHE B 65 1.63 -21.68 -25.10
N PRO B 66 0.44 -21.22 -24.72
CA PRO B 66 -0.76 -21.64 -25.45
C PRO B 66 -0.82 -21.02 -26.84
N SER B 67 -1.65 -21.63 -27.68
CA SER B 67 -1.86 -21.13 -29.02
C SER B 67 -2.26 -19.66 -28.96
N GLY B 68 -1.61 -18.86 -29.79
CA GLY B 68 -1.90 -17.45 -29.86
C GLY B 68 -1.18 -16.59 -28.84
N SER B 69 -0.25 -17.15 -28.08
CA SER B 69 0.51 -16.35 -27.13
C SER B 69 1.18 -15.19 -27.85
N ASP B 70 1.14 -14.01 -27.23
CA ASP B 70 1.80 -12.84 -27.78
C ASP B 70 3.23 -12.67 -27.24
N SER B 71 3.90 -11.61 -27.71
CA SER B 71 5.32 -11.46 -27.42
C SER B 71 5.61 -11.40 -25.93
N GLY B 72 4.82 -10.64 -25.15
CA GLY B 72 5.05 -10.57 -23.72
C GLY B 72 4.76 -11.88 -23.01
N THR B 73 3.73 -12.61 -23.44
CA THR B 73 3.46 -13.92 -22.86
C THR B 73 4.62 -14.87 -23.12
N ILE B 74 5.16 -14.85 -24.33
CA ILE B 74 6.30 -15.71 -24.64
C ILE B 74 7.51 -15.34 -23.78
N LEU B 75 7.85 -14.04 -23.71
CA LEU B 75 9.03 -13.62 -22.95
C LEU B 75 8.86 -13.95 -21.47
N THR B 76 7.65 -13.75 -20.94
CA THR B 76 7.38 -14.07 -19.53
C THR B 76 7.52 -15.56 -19.28
N SER B 77 6.95 -16.40 -20.14
CA SER B 77 7.04 -17.83 -19.93
C SER B 77 8.46 -18.34 -20.15
N ASP B 79 11.08 -16.64 -18.97
CA ASP B 79 11.56 -16.49 -17.60
C ASP B 79 11.21 -17.75 -16.79
N THR B 80 9.97 -18.21 -16.91
CA THR B 80 9.55 -19.40 -16.16
C THR B 80 10.40 -20.61 -16.54
N LEU B 81 10.65 -20.81 -17.84
CA LEU B 81 11.53 -21.91 -18.27
C LEU B 81 12.90 -21.83 -17.60
N LEU B 82 13.49 -20.63 -17.52
CA LEU B 82 14.80 -20.48 -16.88
C LEU B 82 14.75 -20.87 -15.42
N ALA B 83 13.68 -20.46 -14.71
CA ALA B 83 13.54 -20.78 -13.29
C ALA B 83 13.35 -22.27 -13.06
N LEU B 84 12.76 -22.96 -14.03
CA LEU B 84 12.50 -24.39 -13.88
C LEU B 84 13.75 -25.24 -14.05
N GLY B 85 14.80 -24.71 -14.67
CA GLY B 85 16.09 -25.35 -14.65
C GLY B 85 16.47 -26.09 -15.94
N PRO B 86 17.45 -27.00 -15.83
CA PRO B 86 18.05 -27.58 -17.06
C PRO B 86 17.11 -28.42 -17.91
N ASP B 87 16.12 -29.10 -17.33
CA ASP B 87 15.14 -29.83 -18.12
C ASP B 87 14.36 -28.96 -19.11
N PHE B 88 14.55 -27.63 -19.09
CA PHE B 88 13.76 -26.73 -19.92
C PHE B 88 14.61 -25.78 -20.77
N LEU B 89 15.94 -25.95 -20.76
CA LEU B 89 16.82 -25.04 -21.49
CA LEU B 89 16.83 -25.05 -21.48
C LEU B 89 16.72 -25.23 -22.99
N THR B 90 16.53 -26.46 -23.46
CA THR B 90 16.35 -26.66 -24.90
C THR B 90 15.09 -25.96 -25.39
N GLU B 91 14.01 -26.06 -24.60
CA GLU B 91 12.80 -25.34 -24.94
C GLU B 91 13.05 -23.84 -24.95
N PHE B 92 13.81 -23.33 -23.99
CA PHE B 92 14.11 -21.89 -23.96
C PHE B 92 14.84 -21.48 -25.24
N LYS B 93 15.83 -22.26 -25.66
CA LYS B 93 16.55 -21.90 -26.88
C LYS B 93 15.65 -21.93 -28.10
N LYS B 94 14.78 -22.93 -28.21
CA LYS B 94 13.86 -22.99 -29.35
C LYS B 94 12.96 -21.76 -29.40
N ARG B 95 12.41 -21.36 -28.26
CA ARG B 95 11.54 -20.20 -28.24
C ARG B 95 12.31 -18.93 -28.61
N ASN B 96 13.54 -18.83 -28.12
CA ASN B 96 14.36 -17.67 -28.43
C ASN B 96 14.68 -17.62 -29.92
N GLN B 97 14.93 -18.79 -30.52
CA GLN B 97 15.19 -18.83 -31.96
C GLN B 97 13.98 -18.38 -32.76
N ASP B 98 12.79 -18.79 -32.32
CA ASP B 98 11.56 -18.35 -32.98
CA ASP B 98 11.56 -18.36 -32.97
C ASP B 98 11.36 -16.85 -32.87
N LEU B 99 11.68 -16.25 -31.70
CA LEU B 99 11.49 -14.82 -31.53
C LEU B 99 12.41 -14.01 -32.45
N ALA B 100 13.59 -14.54 -32.76
CA ALA B 100 14.57 -13.77 -33.54
C ALA B 100 14.00 -13.40 -34.91
N ARG B 101 13.13 -14.25 -35.46
CA ARG B 101 12.53 -13.95 -36.76
C ARG B 101 11.75 -12.64 -36.73
N PHE B 102 11.31 -12.22 -35.55
CA PHE B 102 10.54 -11.01 -35.32
C PHE B 102 11.37 -9.90 -34.71
N ASN B 103 12.71 -10.05 -34.69
CA ASN B 103 13.63 -9.07 -34.07
C ASN B 103 13.42 -8.95 -32.57
N LEU B 104 12.97 -10.03 -31.92
CA LEU B 104 12.79 -10.07 -30.48
C LEU B 104 13.72 -11.11 -29.88
N THR B 105 14.11 -10.90 -28.61
CA THR B 105 14.94 -11.86 -27.90
C THR B 105 14.74 -11.70 -26.40
N HIS B 106 15.11 -12.74 -25.69
CA HIS B 106 15.08 -12.71 -24.24
C HIS B 106 16.27 -11.90 -23.71
N ASP B 107 16.03 -11.06 -22.72
CA ASP B 107 17.11 -10.20 -22.21
C ASP B 107 18.23 -10.95 -21.45
N LEU B 108 18.01 -12.21 -21.04
CA LEU B 108 19.03 -13.05 -20.41
C LEU B 108 19.54 -14.13 -21.35
N SER B 109 19.49 -13.88 -22.65
CA SER B 109 19.98 -14.84 -23.65
C SER B 109 21.42 -15.25 -23.39
N ILE B 110 22.22 -14.40 -22.73
CA ILE B 110 23.63 -14.72 -22.46
C ILE B 110 23.74 -16.05 -21.74
N LEU B 111 22.71 -16.45 -21.00
CA LEU B 111 22.71 -17.73 -20.30
C LEU B 111 22.64 -18.94 -21.23
N ALA B 112 22.13 -18.76 -22.45
CA ALA B 112 21.95 -19.85 -23.40
C ALA B 112 22.87 -19.73 -24.60
N GLN B 113 23.86 -18.84 -24.54
CA GLN B 113 24.73 -18.56 -25.68
C GLN B 113 26.15 -18.37 -25.20
N GLY B 114 26.35 -17.42 -24.29
CA GLY B 114 27.66 -17.19 -23.72
C GLY B 114 28.10 -18.38 -22.92
N ASP B 115 29.30 -18.24 -22.34
CA ASP B 115 29.81 -19.23 -21.42
C ASP B 115 29.14 -18.99 -20.06
N GLU B 116 28.34 -19.98 -19.63
CA GLU B 116 27.37 -19.75 -18.57
C GLU B 116 28.04 -19.34 -17.26
N ASP B 117 29.24 -19.85 -16.97
CA ASP B 117 29.88 -19.51 -15.70
C ASP B 117 30.11 -18.02 -15.58
N ALA B 118 30.75 -17.42 -16.59
CA ALA B 118 30.95 -15.98 -16.55
C ALA B 118 29.62 -15.22 -16.64
N ALA B 119 28.62 -15.78 -17.33
CA ALA B 119 27.33 -15.11 -17.40
C ALA B 119 26.69 -15.04 -16.02
N LYS B 120 26.76 -16.14 -15.26
CA LYS B 120 26.16 -16.18 -13.93
C LYS B 120 26.83 -15.20 -12.98
N LYS B 121 28.15 -14.99 -13.10
CA LYS B 121 28.83 -14.06 -12.21
C LYS B 121 28.47 -12.61 -12.52
N LYS B 122 28.42 -12.23 -13.79
CA LYS B 122 28.00 -10.87 -14.12
C LYS B 122 26.54 -10.64 -13.72
N LEU B 123 25.69 -11.62 -13.99
CA LEU B 123 24.28 -11.46 -13.62
C LEU B 123 24.08 -11.43 -12.12
N ASN B 124 24.92 -12.13 -11.35
CA ASN B 124 24.83 -12.02 -9.90
C ASN B 124 24.94 -10.56 -9.47
N LEU B 125 25.92 -9.83 -10.02
CA LEU B 125 26.11 -8.45 -9.61
C LEU B 125 24.96 -7.57 -10.11
N GLY B 127 21.89 -8.56 -10.57
CA GLY B 127 20.70 -8.89 -9.79
C GLY B 127 20.70 -8.22 -8.41
N ARG B 128 21.87 -8.13 -7.79
CA ARG B 128 21.94 -7.43 -6.51
C ARG B 128 21.60 -5.96 -6.65
N LYS B 129 22.00 -5.32 -7.76
CA LYS B 129 21.64 -3.93 -7.97
C LYS B 129 20.17 -3.77 -8.33
N ALA B 130 19.63 -4.72 -9.09
CA ALA B 130 18.22 -4.67 -9.49
C ALA B 130 17.30 -4.75 -8.27
N LYS B 131 17.68 -5.56 -7.28
CA LYS B 131 16.80 -5.73 -6.13
CA LYS B 131 16.81 -5.72 -6.13
C LYS B 131 16.64 -4.43 -5.35
N LEU B 132 17.68 -3.57 -5.37
CA LEU B 132 17.65 -2.29 -4.68
C LEU B 132 16.83 -1.24 -5.41
N GLN B 133 16.39 -1.49 -6.65
CA GLN B 133 15.51 -0.56 -7.34
C GLN B 133 14.09 -0.69 -6.79
N LYS B 134 13.32 0.36 -6.98
CA LYS B 134 12.01 0.49 -6.34
C LYS B 134 10.85 -0.04 -7.16
N THR B 135 11.11 -0.79 -8.23
CA THR B 135 10.05 -1.25 -9.11
C THR B 135 9.85 -2.76 -8.98
N GLU B 136 8.60 -3.19 -9.19
CA GLU B 136 8.33 -4.63 -9.22
C GLU B 136 9.12 -5.32 -10.32
N ALA B 137 9.21 -4.70 -11.50
CA ALA B 137 9.93 -5.35 -12.61
C ALA B 137 11.39 -5.67 -12.24
N ALA B 138 12.08 -4.75 -11.58
CA ALA B 138 13.48 -4.98 -11.21
C ALA B 138 13.60 -6.07 -10.15
N LYS B 139 12.67 -6.09 -9.20
CA LYS B 139 12.72 -7.07 -8.12
C LYS B 139 12.44 -8.47 -8.64
N ILE B 140 11.53 -8.60 -9.64
CA ILE B 140 11.29 -9.90 -10.27
C ILE B 140 12.55 -10.39 -10.97
N LEU B 141 13.19 -9.50 -11.73
CA LEU B 141 14.47 -9.86 -12.39
C LEU B 141 15.50 -10.36 -11.37
N ALA B 142 15.62 -9.66 -10.24
CA ALA B 142 16.56 -10.04 -9.18
C ALA B 142 16.29 -11.44 -8.65
N ILE B 143 15.02 -11.73 -8.36
CA ILE B 143 14.69 -13.04 -7.82
C ILE B 143 14.95 -14.12 -8.86
N LEU B 144 14.60 -13.85 -10.11
CA LEU B 144 14.87 -14.79 -11.18
C LEU B 144 16.37 -15.12 -11.26
N ILE B 145 17.20 -14.10 -11.25
CA ILE B 145 18.65 -14.32 -11.30
C ILE B 145 19.12 -15.16 -10.12
N LYS B 146 18.68 -14.79 -8.90
CA LYS B 146 19.10 -15.55 -7.72
C LYS B 146 18.65 -17.00 -7.79
N THR B 147 17.47 -17.27 -8.37
CA THR B 147 16.96 -18.62 -8.52
C THR B 147 17.80 -19.42 -9.52
N ILE B 148 18.09 -18.81 -10.66
CA ILE B 148 18.91 -19.42 -11.70
C ILE B 148 20.27 -19.79 -11.15
N ASN B 149 20.83 -18.93 -10.32
CA ASN B 149 22.18 -19.13 -9.79
C ASN B 149 22.23 -20.05 -8.59
N SER B 150 21.11 -20.62 -8.16
CA SER B 150 21.09 -21.55 -7.03
C SER B 150 21.49 -22.95 -7.49
N GLU B 151 22.33 -23.61 -6.71
CA GLU B 151 22.83 -24.93 -7.14
C GLU B 151 22.23 -26.12 -6.39
N GLU B 152 21.56 -25.91 -5.25
CA GLU B 152 20.86 -26.99 -4.54
C GLU B 152 19.40 -26.57 -4.30
N ASN B 153 18.54 -27.57 -4.06
CA ASN B 153 17.09 -27.34 -3.90
C ASN B 153 16.79 -26.41 -2.72
N TYR B 154 17.52 -26.54 -1.61
CA TYR B 154 17.20 -25.72 -0.45
C TYR B 154 17.47 -24.26 -0.72
N GLU B 155 18.62 -23.97 -1.33
CA GLU B 155 18.94 -22.60 -1.74
C GLU B 155 17.93 -22.09 -2.76
N LYS B 156 17.57 -22.92 -3.73
CA LYS B 156 16.59 -22.48 -4.74
C LYS B 156 15.27 -22.11 -4.08
N PHE B 157 14.82 -22.93 -3.12
CA PHE B 157 13.58 -22.64 -2.40
C PHE B 157 13.70 -21.35 -1.61
N THR B 158 14.86 -21.11 -0.99
CA THR B 158 15.08 -19.87 -0.24
C THR B 158 14.97 -18.65 -1.15
N GLU B 159 15.52 -18.74 -2.36
CA GLU B 159 15.48 -17.58 -3.24
C GLU B 159 14.08 -17.40 -3.82
N LEU B 160 13.40 -18.50 -4.19
CA LEU B 160 12.02 -18.40 -4.69
C LEU B 160 11.07 -17.87 -3.63
N SER B 161 11.35 -18.14 -2.35
CA SER B 161 10.50 -17.66 -1.27
C SER B 161 10.41 -16.12 -1.28
N GLU B 162 11.43 -15.44 -1.82
CA GLU B 162 11.39 -13.98 -1.90
C GLU B 162 10.21 -13.48 -2.74
N LEU B 163 9.64 -14.34 -3.60
CA LEU B 163 8.45 -13.93 -4.35
C LEU B 163 7.31 -13.53 -3.42
N CYS B 164 7.25 -14.13 -2.22
CA CYS B 164 6.19 -13.77 -1.28
C CYS B 164 6.23 -12.30 -0.90
N GLY B 165 7.42 -11.68 -0.93
CA GLY B 165 7.54 -10.27 -0.61
C GLY B 165 6.90 -9.35 -1.64
N LEU B 166 6.62 -9.87 -2.83
CA LEU B 166 5.86 -9.17 -3.87
C LEU B 166 4.39 -9.66 -3.93
N ASP B 167 3.94 -10.39 -2.91
CA ASP B 167 2.63 -11.05 -2.87
C ASP B 167 2.43 -11.99 -4.06
N LEU B 168 3.54 -12.63 -4.46
CA LEU B 168 3.56 -13.67 -5.50
C LEU B 168 3.69 -15.04 -4.88
N ASP B 169 3.02 -15.22 -3.73
CA ASP B 169 2.95 -16.52 -3.06
C ASP B 169 2.48 -17.62 -3.98
N PHE B 170 1.53 -17.33 -4.88
CA PHE B 170 1.07 -18.33 -5.84
C PHE B 170 2.24 -18.91 -6.62
N ASP B 171 3.08 -18.02 -7.16
CA ASP B 171 4.20 -18.49 -7.97
C ASP B 171 5.19 -19.29 -7.14
N ALA B 172 5.49 -18.83 -5.92
CA ALA B 172 6.42 -19.60 -5.08
C ALA B 172 5.87 -21.00 -4.82
N TYR B 173 4.56 -21.09 -4.63
CA TYR B 173 3.93 -22.40 -4.37
C TYR B 173 3.97 -23.30 -5.61
N VAL B 174 3.63 -22.76 -6.78
CA VAL B 174 3.68 -23.57 -8.00
C VAL B 174 5.09 -24.08 -8.24
N PHE B 175 6.10 -23.22 -8.09
CA PHE B 175 7.47 -23.67 -8.33
C PHE B 175 7.84 -24.76 -7.33
N THR B 176 7.46 -24.58 -6.06
CA THR B 176 7.72 -25.58 -5.02
C THR B 176 7.14 -26.93 -5.40
N LYS B 177 5.89 -26.93 -5.87
CA LYS B 177 5.22 -28.17 -6.26
C LYS B 177 5.89 -28.83 -7.47
N ILE B 178 6.13 -28.07 -8.55
CA ILE B 178 6.63 -28.69 -9.78
C ILE B 178 8.08 -29.13 -9.64
N LEU B 179 8.88 -28.44 -8.84
CA LEU B 179 10.29 -28.75 -8.69
C LEU B 179 10.57 -29.70 -7.52
N GLY B 180 9.57 -30.05 -6.74
CA GLY B 180 9.79 -30.97 -5.64
C GLY B 180 10.57 -30.38 -4.49
N LEU B 181 10.34 -29.11 -4.16
CA LEU B 181 11.12 -28.40 -3.16
C LEU B 181 10.62 -28.60 -1.74
N GLU B 182 9.46 -29.23 -1.56
CA GLU B 182 8.92 -29.49 -0.24
C GLU B 182 9.55 -30.77 0.31
N ASP B 183 10.22 -30.66 1.45
CA ASP B 183 10.82 -31.81 2.13
C ASP B 183 10.82 -31.53 3.64
N GLU B 184 11.42 -32.42 4.43
CA GLU B 184 11.34 -32.24 5.88
C GLU B 184 11.94 -30.90 6.33
N ASP B 185 12.94 -30.39 5.61
CA ASP B 185 13.54 -29.13 6.02
C ASP B 185 12.68 -27.92 5.65
N THR B 186 11.91 -27.97 4.57
CA THR B 186 11.17 -26.80 4.11
C THR B 186 9.67 -26.86 4.41
N ALA B 187 9.17 -27.96 4.99
CA ALA B 187 7.72 -28.18 4.97
C ALA B 187 6.95 -27.10 5.72
N ASP B 188 7.48 -26.62 6.85
CA ASP B 188 6.77 -25.61 7.62
C ASP B 188 6.67 -24.30 6.85
N GLU B 189 7.74 -23.95 6.11
CA GLU B 189 7.71 -22.73 5.30
C GLU B 189 6.76 -22.88 4.11
N VAL B 190 6.75 -24.05 3.48
CA VAL B 190 5.81 -24.28 2.41
C VAL B 190 4.38 -24.10 2.89
N GLU B 191 4.09 -24.56 4.12
CA GLU B 191 2.74 -24.40 4.66
C GLU B 191 2.37 -22.94 4.81
N VAL B 192 3.31 -22.07 5.20
CA VAL B 192 3.00 -20.66 5.30
C VAL B 192 2.72 -20.07 3.92
N ILE B 193 3.54 -20.42 2.93
CA ILE B 193 3.34 -19.92 1.57
C ILE B 193 1.97 -20.35 1.06
N ARG B 194 1.64 -21.64 1.23
CA ARG B 194 0.35 -22.15 0.81
CA ARG B 194 0.35 -22.15 0.81
C ARG B 194 -0.79 -21.39 1.49
N ASP B 195 -0.70 -21.20 2.80
CA ASP B 195 -1.75 -20.47 3.53
C ASP B 195 -1.86 -19.01 3.09
N ASN B 196 -0.74 -18.36 2.72
CA ASN B 196 -0.83 -17.00 2.23
C ASN B 196 -1.67 -16.98 0.95
N PHE B 197 -1.43 -17.94 0.06
CA PHE B 197 -2.18 -17.96 -1.19
C PHE B 197 -3.65 -18.29 -0.91
N LEU B 198 -3.90 -19.31 -0.06
CA LEU B 198 -5.28 -19.69 0.27
C LEU B 198 -6.05 -18.53 0.94
N ASN B 199 -5.38 -17.63 1.68
CA ASN B 199 -6.09 -16.46 2.22
CA ASN B 199 -6.08 -16.47 2.22
C ASN B 199 -6.66 -15.59 1.12
N ARG B 200 -6.01 -15.55 -0.04
CA ARG B 200 -6.57 -14.80 -1.17
C ARG B 200 -7.64 -15.64 -1.87
N LEU B 201 -7.38 -16.93 -2.06
CA LEU B 201 -8.24 -17.75 -2.89
C LEU B 201 -9.57 -18.02 -2.16
N ASP B 202 -9.52 -18.10 -0.82
CA ASP B 202 -10.72 -18.29 -0.01
C ASP B 202 -11.79 -17.25 -0.29
N GLN B 203 -11.39 -16.03 -0.64
CA GLN B 203 -12.32 -14.94 -0.86
C GLN B 203 -12.92 -14.91 -2.27
N THR B 204 -12.37 -15.69 -3.21
CA THR B 204 -12.87 -15.69 -4.59
C THR B 204 -13.28 -17.07 -5.10
N LYS B 205 -12.65 -18.16 -4.64
CA LYS B 205 -12.94 -19.53 -5.08
C LYS B 205 -12.80 -20.49 -3.89
N PRO B 206 -13.73 -20.42 -2.93
CA PRO B 206 -13.58 -21.22 -1.71
C PRO B 206 -13.57 -22.72 -1.90
N LYS B 207 -14.31 -23.26 -2.88
CA LYS B 207 -14.30 -24.71 -3.10
C LYS B 207 -12.95 -25.18 -3.64
N LEU B 208 -12.35 -24.41 -4.53
CA LEU B 208 -11.03 -24.76 -5.04
C LEU B 208 -9.98 -24.65 -3.92
N ALA B 209 -10.09 -23.62 -3.09
CA ALA B 209 -9.20 -23.52 -1.93
C ALA B 209 -9.33 -24.74 -1.02
N ASP B 210 -10.56 -25.23 -0.82
CA ASP B 210 -10.77 -26.41 0.02
C ASP B 210 -10.06 -27.65 -0.54
N ILE B 211 -10.12 -27.87 -1.85
CA ILE B 211 -9.42 -29.00 -2.44
C ILE B 211 -7.91 -28.88 -2.27
N ARG B 213 -6.34 -27.29 0.16
CA ARG B 213 -6.11 -27.72 1.53
C ARG B 213 -6.13 -29.23 1.65
N ASN B 214 -7.25 -29.85 1.26
CA ASN B 214 -7.44 -31.31 1.36
C ASN B 214 -8.44 -31.74 0.30
N GLY B 215 -7.98 -32.49 -0.70
CA GLY B 215 -8.86 -32.93 -1.77
C GLY B 215 -8.19 -33.82 -2.80
N ASP C 2 10.74 24.27 0.99
CA ASP C 2 10.98 25.12 -0.18
C ASP C 2 10.36 24.49 -1.43
N THR C 3 9.02 24.38 -1.39
CA THR C 3 8.27 23.84 -2.51
C THR C 3 6.87 24.43 -2.53
N ASN C 4 6.27 24.48 -3.71
CA ASN C 4 4.89 24.93 -3.85
C ASN C 4 3.88 23.79 -3.69
N LYS C 5 4.32 22.53 -3.70
CA LYS C 5 3.39 21.40 -3.76
C LYS C 5 2.82 21.10 -2.38
N ARG C 6 1.52 20.79 -2.31
CA ARG C 6 0.96 20.32 -1.04
C ARG C 6 1.49 18.92 -0.70
N GLU C 7 2.12 18.79 0.47
CA GLU C 7 2.74 17.54 0.86
C GLU C 7 2.42 17.16 2.30
N ILE C 8 1.98 15.92 2.49
CA ILE C 8 1.80 15.36 3.84
C ILE C 8 3.16 15.07 4.45
N VAL C 9 3.32 15.39 5.73
CA VAL C 9 4.56 15.09 6.46
C VAL C 9 4.22 14.26 7.71
N GLU C 10 5.24 13.68 8.30
CA GLU C 10 5.04 12.87 9.49
C GLU C 10 6.14 13.16 10.49
N PHE C 11 5.76 13.12 11.78
CA PHE C 11 6.73 13.16 12.87
C PHE C 11 6.32 12.08 13.87
N LEU C 12 7.15 11.05 14.03
CA LEU C 12 6.94 10.03 15.09
C LEU C 12 5.47 9.66 15.33
N GLY C 13 4.87 9.12 14.32
CA GLY C 13 3.51 8.63 14.43
C GLY C 13 2.42 9.64 14.13
N ILE C 14 2.74 10.92 13.98
CA ILE C 14 1.73 11.96 13.78
C ILE C 14 1.84 12.40 12.32
N ARG C 15 0.89 11.98 11.50
CA ARG C 15 0.81 12.33 10.09
C ARG C 15 -0.11 13.53 9.92
N THR C 16 0.37 14.55 9.18
CA THR C 16 -0.33 15.84 9.12
C THR C 16 -0.04 16.55 7.79
N TYR C 17 -1.05 17.28 7.30
CA TYR C 17 -0.85 18.29 6.27
C TYR C 17 -0.95 19.70 6.83
N PHE C 18 -2.04 19.97 7.58
CA PHE C 18 -2.40 21.32 8.01
C PHE C 18 -1.64 21.80 9.25
N PHE C 19 -1.06 20.90 10.06
CA PHE C 19 -0.50 21.30 11.36
C PHE C 19 0.89 20.71 11.63
N PRO C 20 1.84 20.85 10.72
CA PRO C 20 3.16 20.25 10.97
C PRO C 20 3.90 20.80 12.17
N ASN C 21 3.87 22.11 12.42
CA ASN C 21 4.60 22.63 13.57
C ASN C 21 3.99 22.11 14.88
N LEU C 22 2.65 21.97 14.92
CA LEU C 22 1.97 21.44 16.10
C LEU C 22 2.36 19.99 16.35
N ALA C 23 2.40 19.19 15.30
CA ALA C 23 2.81 17.79 15.43
C ALA C 23 4.23 17.69 15.99
N LEU C 24 5.17 18.44 15.41
CA LEU C 24 6.54 18.41 15.90
C LEU C 24 6.62 18.90 17.33
N TYR C 25 5.87 19.96 17.67
CA TYR C 25 5.85 20.45 19.05
C TYR C 25 5.47 19.34 20.02
N ALA C 26 4.41 18.59 19.70
CA ALA C 26 3.92 17.57 20.62
C ALA C 26 4.94 16.45 20.79
N VAL C 27 5.63 16.09 19.69
CA VAL C 27 6.67 15.06 19.74
C VAL C 27 7.85 15.51 20.60
N ASN C 28 8.23 16.79 20.51
CA ASN C 28 9.34 17.31 21.30
C ASN C 28 8.96 17.60 22.75
N ASN C 29 7.69 17.93 23.04
CA ASN C 29 7.34 18.47 24.35
C ASN C 29 6.28 17.64 25.09
N ASP C 30 6.20 16.33 24.82
CA ASP C 30 5.13 15.52 25.44
C ASP C 30 5.25 15.50 26.97
N GLU C 31 6.47 15.44 27.51
CA GLU C 31 6.60 15.37 28.97
C GLU C 31 6.15 16.67 29.62
N LEU C 32 6.44 17.79 28.98
CA LEU C 32 5.96 19.08 29.50
C LEU C 32 4.44 19.14 29.45
N LEU C 33 3.83 18.64 28.36
CA LEU C 33 2.38 18.59 28.28
C LEU C 33 1.77 17.75 29.39
N VAL C 34 2.47 16.66 29.80
CA VAL C 34 2.03 15.83 30.91
C VAL C 34 2.20 16.56 32.24
N SER C 35 3.38 17.12 32.47
CA SER C 35 3.80 17.46 33.83
C SER C 35 3.58 18.91 34.20
N ASP C 36 3.57 19.82 33.23
CA ASP C 36 3.34 21.25 33.50
C ASP C 36 2.60 21.84 32.32
N PRO C 37 1.36 21.39 32.09
CA PRO C 37 0.62 21.82 30.88
C PRO C 37 0.38 23.32 30.81
N ASN C 38 0.24 24.02 31.95
CA ASN C 38 0.03 25.47 31.89
C ASN C 38 1.25 26.22 31.39
N LYS C 39 2.45 25.65 31.57
CA LYS C 39 3.64 26.26 30.96
C LYS C 39 3.87 25.80 29.52
N ALA C 40 3.21 24.76 29.06
CA ALA C 40 3.32 24.36 27.68
C ALA C 40 2.51 25.29 26.78
N ASN C 41 2.70 25.10 25.48
CA ASN C 41 1.97 25.89 24.50
C ASN C 41 0.45 25.65 24.63
N SER C 42 -0.33 26.74 24.63
CA SER C 42 -1.76 26.63 24.96
CA SER C 42 -1.76 26.63 24.96
C SER C 42 -2.54 25.91 23.87
N PHE C 43 -2.17 26.11 22.61
CA PHE C 43 -2.82 25.41 21.50
C PHE C 43 -2.60 23.91 21.61
N ALA C 44 -1.35 23.49 21.82
CA ALA C 44 -1.04 22.08 21.99
C ALA C 44 -1.75 21.51 23.22
N ALA C 45 -1.74 22.25 24.34
CA ALA C 45 -2.33 21.72 25.56
C ALA C 45 -3.82 21.47 25.38
N TYR C 46 -4.52 22.39 24.69
CA TYR C 46 -5.94 22.23 24.44
C TYR C 46 -6.23 21.05 23.53
N VAL C 47 -5.50 20.93 22.42
CA VAL C 47 -5.76 19.85 21.45
C VAL C 47 -5.59 18.47 22.09
N PHE C 48 -4.53 18.29 22.87
CA PHE C 48 -4.19 16.99 23.43
C PHE C 48 -4.87 16.72 24.76
N GLY C 49 -5.75 17.59 25.21
CA GLY C 49 -6.56 17.32 26.40
C GLY C 49 -5.86 17.56 27.73
N ALA C 50 -4.74 18.28 27.73
CA ALA C 50 -4.02 18.62 28.95
C ALA C 50 -4.58 19.84 29.65
N SER C 51 -5.39 20.64 28.96
CA SER C 51 -5.98 21.83 29.52
C SER C 51 -7.30 22.10 28.81
N ASP C 52 -8.23 22.71 29.52
CA ASP C 52 -9.51 23.09 28.95
C ASP C 52 -9.55 24.55 28.54
N LYS C 53 -8.43 25.26 28.67
CA LYS C 53 -8.35 26.65 28.25
C LYS C 53 -8.19 26.72 26.74
N LYS C 54 -9.11 27.40 26.08
CA LYS C 54 -9.04 27.55 24.63
C LYS C 54 -7.89 28.47 24.23
N PRO C 55 -7.14 28.13 23.18
CA PRO C 55 -6.13 29.08 22.69
C PRO C 55 -6.78 30.28 22.03
N SER C 56 -6.01 31.35 21.96
CA SER C 56 -6.45 32.54 21.24
C SER C 56 -6.12 32.42 19.76
N VAL C 57 -6.75 33.30 18.96
CA VAL C 57 -6.38 33.44 17.55
C VAL C 57 -4.87 33.64 17.43
N ASP C 58 -4.30 34.50 18.27
CA ASP C 58 -2.86 34.75 18.22
C ASP C 58 -2.04 33.51 18.53
N ASP C 59 -2.47 32.71 19.52
CA ASP C 59 -1.75 31.47 19.83
C ASP C 59 -1.71 30.56 18.60
N ILE C 60 -2.83 30.48 17.89
CA ILE C 60 -2.92 29.59 16.74
C ILE C 60 -2.06 30.11 15.61
N VAL C 61 -2.10 31.43 15.37
CA VAL C 61 -1.32 32.02 14.29
C VAL C 61 0.17 31.83 14.53
N GLN C 62 0.62 31.99 15.78
CA GLN C 62 2.04 31.84 16.08
C GLN C 62 2.52 30.41 15.84
N LEU C 64 1.20 28.33 13.61
CA LEU C 64 1.16 28.12 12.16
CA LEU C 64 1.17 28.11 12.15
C LEU C 64 2.30 28.85 11.44
N PHE C 65 2.71 30.02 11.94
CA PHE C 65 3.70 30.88 11.27
C PHE C 65 4.84 31.23 12.21
N PRO C 66 5.65 30.26 12.60
CA PRO C 66 6.79 30.55 13.48
C PRO C 66 7.82 31.43 12.80
N SER C 67 8.61 32.13 13.62
CA SER C 67 9.73 32.92 13.10
C SER C 67 10.60 32.08 12.18
N GLY C 68 10.88 32.61 11.00
CA GLY C 68 11.74 31.93 10.06
C GLY C 68 11.05 30.99 9.08
N SER C 69 9.73 30.92 9.10
CA SER C 69 9.00 30.08 8.15
C SER C 69 9.38 30.40 6.72
N ASP C 70 9.61 29.36 5.94
CA ASP C 70 9.87 29.51 4.52
C ASP C 70 8.56 29.48 3.71
N SER C 71 8.70 29.61 2.39
CA SER C 71 7.52 29.85 1.57
C SER C 71 6.54 28.68 1.57
N GLY C 72 7.02 27.43 1.55
CA GLY C 72 6.11 26.31 1.60
C GLY C 72 5.39 26.23 2.92
N THR C 73 6.08 26.53 4.03
CA THR C 73 5.42 26.58 5.34
C THR C 73 4.32 27.63 5.36
N ILE C 74 4.61 28.81 4.82
CA ILE C 74 3.62 29.88 4.78
C ILE C 74 2.41 29.44 3.94
N LEU C 75 2.66 28.87 2.76
CA LEU C 75 1.55 28.47 1.88
C LEU C 75 0.67 27.40 2.51
N THR C 76 1.31 26.42 3.18
CA THR C 76 0.56 25.37 3.86
C THR C 76 -0.29 25.94 4.98
N SER C 77 0.31 26.82 5.78
CA SER C 77 -0.43 27.41 6.89
C SER C 77 -1.52 28.35 6.41
N ASP C 79 -3.44 27.60 3.83
CA ASP C 79 -4.54 26.64 3.69
C ASP C 79 -5.24 26.47 5.02
N THR C 80 -4.48 26.30 6.11
CA THR C 80 -5.10 26.14 7.42
C THR C 80 -5.93 27.35 7.80
N LEU C 81 -5.42 28.57 7.55
CA LEU C 81 -6.18 29.76 7.85
C LEU C 81 -7.52 29.78 7.12
N LEU C 82 -7.54 29.39 5.84
CA LEU C 82 -8.79 29.34 5.08
C LEU C 82 -9.79 28.36 5.69
N ALA C 83 -9.31 27.19 6.09
CA ALA C 83 -10.21 26.21 6.71
C ALA C 83 -10.73 26.65 8.07
N LEU C 84 -10.01 27.54 8.76
CA LEU C 84 -10.40 28.03 10.10
C LEU C 84 -11.39 29.18 10.04
N GLY C 85 -11.64 29.72 8.86
CA GLY C 85 -12.78 30.59 8.67
C GLY C 85 -12.53 32.08 8.89
N PRO C 86 -13.59 32.84 9.18
CA PRO C 86 -13.54 34.32 9.10
C PRO C 86 -12.59 35.01 10.07
N ASP C 87 -12.35 34.47 11.25
CA ASP C 87 -11.43 35.17 12.16
C ASP C 87 -9.98 35.13 11.70
N PHE C 88 -9.69 34.48 10.56
CA PHE C 88 -8.33 34.27 10.11
C PHE C 88 -8.06 34.84 8.72
N LEU C 89 -9.08 35.43 8.08
CA LEU C 89 -8.95 35.88 6.70
C LEU C 89 -8.08 37.12 6.58
N THR C 90 -8.09 38.01 7.57
CA THR C 90 -7.20 39.16 7.51
C THR C 90 -5.74 38.71 7.56
N GLU C 91 -5.43 37.71 8.40
CA GLU C 91 -4.08 37.17 8.42
C GLU C 91 -3.73 36.54 7.07
N PHE C 92 -4.68 35.83 6.45
CA PHE C 92 -4.43 35.23 5.15
C PHE C 92 -4.03 36.31 4.14
N LYS C 93 -4.77 37.41 4.12
CA LYS C 93 -4.48 38.49 3.17
C LYS C 93 -3.14 39.14 3.43
N LYS C 94 -2.79 39.37 4.71
CA LYS C 94 -1.46 39.88 5.06
C LYS C 94 -0.35 38.98 4.52
N ARG C 95 -0.50 37.66 4.73
CA ARG C 95 0.52 36.73 4.27
C ARG C 95 0.59 36.72 2.75
N ASN C 96 -0.56 36.80 2.09
CA ASN C 96 -0.56 36.74 0.63
C ASN C 96 0.11 37.97 0.04
N GLN C 97 -0.05 39.12 0.69
CA GLN C 97 0.63 40.34 0.22
C GLN C 97 2.15 40.21 0.35
N ASP C 98 2.63 39.65 1.45
CA ASP C 98 4.07 39.36 1.59
C ASP C 98 4.59 38.53 0.44
N LEU C 99 3.83 37.52 0.05
CA LEU C 99 4.34 36.58 -0.94
C LEU C 99 4.47 37.26 -2.30
N ALA C 100 3.63 38.25 -2.58
CA ALA C 100 3.56 38.80 -3.95
C ALA C 100 4.87 39.46 -4.35
N ARG C 101 5.58 40.05 -3.38
CA ARG C 101 6.87 40.68 -3.66
C ARG C 101 7.89 39.68 -4.22
N PHE C 102 7.71 38.40 -3.93
CA PHE C 102 8.57 37.32 -4.39
C PHE C 102 7.95 36.56 -5.56
N ASN C 103 6.89 37.13 -6.17
CA ASN C 103 6.15 36.48 -7.26
C ASN C 103 5.48 35.17 -6.85
N LEU C 104 5.10 35.05 -5.57
CA LEU C 104 4.40 33.89 -5.06
C LEU C 104 3.00 34.32 -4.63
N THR C 105 2.09 33.34 -4.66
CA THR C 105 0.72 33.59 -4.23
C THR C 105 0.07 32.27 -3.86
N HIS C 106 -0.95 32.36 -3.03
CA HIS C 106 -1.79 31.22 -2.75
C HIS C 106 -2.68 30.89 -3.96
N ASP C 107 -2.77 29.61 -4.29
CA ASP C 107 -3.44 29.18 -5.53
C ASP C 107 -4.95 29.40 -5.55
N LEU C 108 -5.57 29.65 -4.41
CA LEU C 108 -7.00 30.00 -4.40
C LEU C 108 -7.25 31.50 -4.34
N SER C 109 -6.20 32.32 -4.36
CA SER C 109 -6.36 33.78 -4.41
C SER C 109 -7.48 34.27 -5.31
N ASP C 117 -20.33 33.94 -4.42
CA ASP C 117 -21.24 32.98 -5.05
C ASP C 117 -20.71 32.47 -6.38
N ALA C 118 -20.26 33.39 -7.24
CA ALA C 118 -19.65 32.98 -8.51
C ALA C 118 -18.37 32.21 -8.25
N ALA C 119 -17.51 32.71 -7.36
CA ALA C 119 -16.26 32.01 -7.10
C ALA C 119 -16.50 30.69 -6.38
N LYS C 120 -17.50 30.63 -5.51
CA LYS C 120 -17.75 29.38 -4.81
C LYS C 120 -18.29 28.31 -5.77
N LYS C 121 -19.04 28.69 -6.79
CA LYS C 121 -19.46 27.72 -7.79
C LYS C 121 -18.28 27.28 -8.65
N LYS C 122 -17.42 28.22 -9.05
CA LYS C 122 -16.22 27.82 -9.78
C LYS C 122 -15.32 26.93 -8.92
N LEU C 123 -15.12 27.34 -7.67
CA LEU C 123 -14.32 26.53 -6.76
C LEU C 123 -14.91 25.13 -6.61
N ASN C 124 -16.24 25.05 -6.47
CA ASN C 124 -16.90 23.77 -6.30
C ASN C 124 -16.57 22.83 -7.46
N LEU C 125 -16.67 23.33 -8.71
CA LEU C 125 -16.36 22.46 -9.84
C LEU C 125 -14.90 22.06 -9.85
N GLY C 127 -12.96 21.66 -7.19
CA GLY C 127 -12.71 20.69 -6.14
C GLY C 127 -13.22 19.31 -6.53
N ARG C 128 -14.33 19.26 -7.25
CA ARG C 128 -14.86 17.97 -7.69
C ARG C 128 -13.90 17.28 -8.66
N LYS C 129 -13.33 18.03 -9.59
CA LYS C 129 -12.37 17.42 -10.50
C LYS C 129 -11.07 17.07 -9.80
N ALA C 130 -10.63 17.90 -8.84
CA ALA C 130 -9.42 17.59 -8.09
C ALA C 130 -9.53 16.27 -7.33
N LYS C 131 -10.69 16.00 -6.73
CA LYS C 131 -10.81 14.78 -5.94
C LYS C 131 -10.63 13.54 -6.79
N LEU C 132 -10.98 13.63 -8.08
CA LEU C 132 -10.84 12.52 -9.01
C LEU C 132 -9.40 12.29 -9.47
N GLN C 133 -8.46 13.18 -9.18
CA GLN C 133 -7.06 12.92 -9.50
C GLN C 133 -6.48 11.92 -8.51
N LYS C 134 -5.41 11.29 -8.94
CA LYS C 134 -4.82 10.21 -8.17
C LYS C 134 -3.67 10.63 -7.26
N THR C 135 -3.56 11.91 -6.92
CA THR C 135 -2.49 12.36 -6.03
C THR C 135 -3.03 12.84 -4.69
N GLU C 136 -2.19 12.74 -3.65
CA GLU C 136 -2.57 13.30 -2.35
C GLU C 136 -2.73 14.81 -2.43
N ALA C 137 -1.87 15.50 -3.21
CA ALA C 137 -1.96 16.96 -3.28
C ALA C 137 -3.31 17.42 -3.83
N ALA C 138 -3.84 16.72 -4.83
CA ALA C 138 -5.14 17.12 -5.37
C ALA C 138 -6.27 16.81 -4.41
N LYS C 139 -6.19 15.66 -3.72
CA LYS C 139 -7.25 15.29 -2.77
C LYS C 139 -7.31 16.25 -1.59
N ILE C 140 -6.15 16.77 -1.15
CA ILE C 140 -6.12 17.75 -0.07
C ILE C 140 -6.80 19.04 -0.54
N LEU C 141 -6.47 19.48 -1.74
CA LEU C 141 -7.10 20.68 -2.31
C LEU C 141 -8.63 20.51 -2.36
N ALA C 142 -9.08 19.35 -2.84
CA ALA C 142 -10.53 19.11 -2.91
C ALA C 142 -11.18 19.23 -1.53
N ILE C 143 -10.58 18.61 -0.51
CA ILE C 143 -11.15 18.67 0.84
C ILE C 143 -11.15 20.11 1.37
N LEU C 144 -10.08 20.86 1.12
CA LEU C 144 -10.04 22.26 1.51
C LEU C 144 -11.19 23.04 0.87
N ILE C 145 -11.39 22.87 -0.43
CA ILE C 145 -12.45 23.59 -1.14
C ILE C 145 -13.81 23.24 -0.56
N LYS C 146 -14.07 21.94 -0.37
CA LYS C 146 -15.36 21.53 0.15
C LYS C 146 -15.57 22.07 1.56
N THR C 147 -14.51 22.18 2.34
CA THR C 147 -14.62 22.74 3.69
C THR C 147 -14.96 24.24 3.64
N ILE C 148 -14.22 24.99 2.83
CA ILE C 148 -14.43 26.42 2.63
C ILE C 148 -15.86 26.72 2.20
N ASN C 149 -16.42 25.89 1.30
CA ASN C 149 -17.75 26.10 0.75
C ASN C 149 -18.87 25.60 1.65
N SER C 150 -18.55 24.95 2.76
CA SER C 150 -19.56 24.50 3.70
C SER C 150 -20.22 25.68 4.42
N GLU C 151 -21.54 25.59 4.64
CA GLU C 151 -22.31 26.69 5.21
C GLU C 151 -22.75 26.52 6.67
N GLU C 152 -22.65 25.32 7.24
CA GLU C 152 -23.00 25.05 8.62
CA GLU C 152 -23.01 25.05 8.62
C GLU C 152 -22.01 24.04 9.19
N ASN C 153 -21.91 24.00 10.51
CA ASN C 153 -20.90 23.15 11.17
C ASN C 153 -21.06 21.67 10.82
N TYR C 154 -22.30 21.15 10.68
CA TYR C 154 -22.42 19.73 10.41
C TYR C 154 -21.87 19.37 9.04
N GLU C 155 -22.16 20.20 8.02
CA GLU C 155 -21.57 20.02 6.70
C GLU C 155 -20.05 20.15 6.74
N LYS C 156 -19.55 21.16 7.46
CA LYS C 156 -18.11 21.35 7.52
C LYS C 156 -17.43 20.13 8.14
N PHE C 157 -18.01 19.59 9.23
CA PHE C 157 -17.47 18.39 9.86
C PHE C 157 -17.48 17.21 8.89
N THR C 158 -18.58 17.06 8.14
CA THR C 158 -18.68 15.98 7.16
C THR C 158 -17.58 16.09 6.10
N GLU C 159 -17.30 17.30 5.63
CA GLU C 159 -16.27 17.43 4.61
C GLU C 159 -14.87 17.24 5.20
N LEU C 160 -14.61 17.80 6.40
CA LEU C 160 -13.31 17.61 7.06
C LEU C 160 -13.04 16.14 7.39
N SER C 161 -14.10 15.36 7.64
CA SER C 161 -13.96 13.95 7.95
C SER C 161 -13.26 13.19 6.84
N GLU C 162 -13.37 13.68 5.60
CA GLU C 162 -12.69 13.06 4.47
C GLU C 162 -11.18 13.03 4.64
N LEU C 163 -10.63 13.90 5.51
CA LEU C 163 -9.20 13.84 5.79
C LEU C 163 -8.79 12.46 6.31
N CYS C 164 -9.70 11.75 7.01
CA CYS C 164 -9.37 10.43 7.51
C CYS C 164 -9.07 9.44 6.38
N GLY C 165 -9.61 9.68 5.19
CA GLY C 165 -9.33 8.84 4.03
C GLY C 165 -7.91 8.96 3.50
N LEU C 166 -7.20 10.01 3.89
CA LEU C 166 -5.77 10.19 3.65
C LEU C 166 -4.91 9.88 4.87
N ASP C 167 -5.49 9.23 5.88
CA ASP C 167 -4.86 9.00 7.17
C ASP C 167 -4.39 10.30 7.81
N LEU C 168 -5.20 11.36 7.64
CA LEU C 168 -5.01 12.66 8.29
C LEU C 168 -6.01 12.86 9.42
N ASP C 169 -6.29 11.78 10.16
CA ASP C 169 -7.15 11.82 11.33
C ASP C 169 -6.72 12.89 12.34
N PHE C 170 -5.40 13.11 12.51
CA PHE C 170 -4.93 14.14 13.41
C PHE C 170 -5.47 15.50 13.02
N ASP C 171 -5.40 15.83 11.74
CA ASP C 171 -5.88 17.13 11.27
C ASP C 171 -7.38 17.26 11.48
N ALA C 172 -8.14 16.21 11.12
CA ALA C 172 -9.58 16.23 11.34
C ALA C 172 -9.90 16.47 12.81
N TYR C 173 -9.16 15.83 13.71
CA TYR C 173 -9.38 16.00 15.14
C TYR C 173 -9.04 17.42 15.61
N VAL C 174 -7.89 17.97 15.17
CA VAL C 174 -7.52 19.33 15.55
C VAL C 174 -8.58 20.32 15.08
N PHE C 175 -9.02 20.22 13.82
CA PHE C 175 -10.06 21.12 13.34
C PHE C 175 -11.35 20.95 14.14
N THR C 176 -11.74 19.71 14.45
CA THR C 176 -12.94 19.48 15.25
C THR C 176 -12.85 20.18 16.60
N LYS C 177 -11.70 20.10 17.24
CA LYS C 177 -11.49 20.73 18.56
C LYS C 177 -11.53 22.25 18.46
N ILE C 178 -10.77 22.83 17.52
CA ILE C 178 -10.66 24.29 17.46
C ILE C 178 -11.94 24.96 16.98
N LEU C 179 -12.68 24.32 16.07
CA LEU C 179 -13.87 24.92 15.50
C LEU C 179 -15.12 24.54 16.27
N GLY C 180 -14.99 23.68 17.28
CA GLY C 180 -16.14 23.28 18.07
C GLY C 180 -17.15 22.45 17.32
N LEU C 181 -16.68 21.49 16.55
CA LEU C 181 -17.58 20.71 15.73
C LEU C 181 -18.14 19.46 16.41
N GLU C 182 -17.71 19.15 17.63
CA GLU C 182 -18.23 18.00 18.37
C GLU C 182 -19.51 18.41 19.10
N ASP C 183 -20.63 17.82 18.72
CA ASP C 183 -21.91 18.07 19.36
C ASP C 183 -22.67 16.76 19.41
N GLU C 184 -23.94 16.82 19.82
CA GLU C 184 -24.72 15.60 19.98
C GLU C 184 -24.85 14.83 18.67
N ASP C 185 -24.90 15.53 17.54
CA ASP C 185 -25.04 14.88 16.24
C ASP C 185 -23.73 14.23 15.76
N THR C 186 -22.58 14.77 16.13
CA THR C 186 -21.31 14.31 15.57
C THR C 186 -20.46 13.51 16.56
N ALA C 187 -20.90 13.37 17.82
CA ALA C 187 -19.99 12.88 18.86
C ALA C 187 -19.51 11.45 18.61
N ASP C 188 -20.37 10.56 18.10
CA ASP C 188 -19.94 9.19 17.86
C ASP C 188 -18.89 9.13 16.75
N GLU C 189 -19.04 9.95 15.71
CA GLU C 189 -18.05 10.01 14.64
C GLU C 189 -16.74 10.64 15.14
N VAL C 190 -16.83 11.68 15.97
CA VAL C 190 -15.62 12.26 16.57
C VAL C 190 -14.86 11.20 17.37
N GLU C 191 -15.57 10.34 18.11
CA GLU C 191 -14.90 9.28 18.86
C GLU C 191 -14.12 8.34 17.95
N VAL C 192 -14.66 8.01 16.75
CA VAL C 192 -13.92 7.15 15.83
C VAL C 192 -12.66 7.84 15.33
N ILE C 193 -12.76 9.13 14.98
CA ILE C 193 -11.58 9.88 14.50
C ILE C 193 -10.52 9.91 15.61
N ARG C 194 -10.95 10.24 16.83
CA ARG C 194 -10.04 10.29 17.97
C ARG C 194 -9.37 8.94 18.18
N ASP C 195 -10.16 7.86 18.14
CA ASP C 195 -9.59 6.52 18.31
C ASP C 195 -8.63 6.16 17.20
N ASN C 196 -8.89 6.59 15.94
CA ASN C 196 -7.94 6.33 14.88
C ASN C 196 -6.60 7.00 15.15
N PHE C 197 -6.64 8.23 15.63
CA PHE C 197 -5.40 8.92 15.96
C PHE C 197 -4.74 8.28 17.18
N LEU C 198 -5.51 7.97 18.21
CA LEU C 198 -4.94 7.31 19.38
C LEU C 198 -4.27 5.98 19.01
N ASN C 199 -4.81 5.27 18.02
CA ASN C 199 -4.19 4.02 17.59
CA ASN C 199 -4.19 4.02 17.60
C ASN C 199 -2.77 4.24 17.12
N ARG C 200 -2.51 5.34 16.41
CA ARG C 200 -1.15 5.65 16.01
C ARG C 200 -0.34 6.11 17.21
N LEU C 201 -0.91 6.95 18.06
CA LEU C 201 -0.17 7.49 19.20
C LEU C 201 0.23 6.41 20.19
N ASP C 202 -0.64 5.45 20.43
CA ASP C 202 -0.33 4.39 21.39
C ASP C 202 1.00 3.73 21.05
N GLN C 203 1.38 3.72 19.78
CA GLN C 203 2.62 3.08 19.34
C GLN C 203 3.87 3.96 19.40
N THR C 204 3.75 5.29 19.55
CA THR C 204 4.92 6.17 19.50
C THR C 204 5.04 7.17 20.64
N LYS C 205 3.91 7.68 21.11
CA LYS C 205 3.90 8.65 22.21
C LYS C 205 2.79 8.25 23.17
N PRO C 206 2.98 7.15 23.90
CA PRO C 206 1.99 6.74 24.89
C PRO C 206 1.60 7.83 25.84
N LYS C 207 2.53 8.75 26.19
CA LYS C 207 2.19 9.84 27.10
C LYS C 207 1.12 10.72 26.51
N LEU C 208 1.24 11.09 25.23
CA LEU C 208 0.24 11.92 24.59
C LEU C 208 -1.10 11.19 24.57
N ALA C 209 -1.08 9.90 24.24
CA ALA C 209 -2.31 9.12 24.20
C ALA C 209 -2.98 9.12 25.57
N ASP C 210 -2.20 8.97 26.63
CA ASP C 210 -2.77 8.92 27.97
C ASP C 210 -3.47 10.23 28.34
N ILE C 211 -2.83 11.37 28.07
CA ILE C 211 -3.44 12.67 28.34
C ILE C 211 -4.76 12.79 27.58
N ARG C 213 -6.76 10.62 26.56
CA ARG C 213 -7.74 9.72 27.15
C ARG C 213 -8.17 10.14 28.55
N ASN C 214 -7.29 10.81 29.30
CA ASN C 214 -7.55 11.03 30.72
C ASN C 214 -7.42 12.50 31.09
N GLY C 215 -6.20 12.97 31.31
CA GLY C 215 -5.97 14.37 31.62
C GLY C 215 -4.65 14.63 32.32
N ASN D 4 4.20 -3.60 22.99
CA ASN D 4 4.89 -2.78 22.00
C ASN D 4 5.34 -3.61 20.80
N LYS D 5 4.93 -3.17 19.61
CA LYS D 5 5.27 -3.87 18.37
C LYS D 5 6.30 -3.06 17.62
N ARG D 6 7.01 -3.74 16.73
CA ARG D 6 8.01 -3.08 15.89
C ARG D 6 7.30 -2.21 14.84
N GLU D 7 7.53 -0.90 14.90
CA GLU D 7 6.84 0.04 14.03
C GLU D 7 7.82 0.98 13.36
N ILE D 8 7.69 1.11 12.03
CA ILE D 8 8.46 2.08 11.27
C ILE D 8 7.89 3.47 11.53
N VAL D 9 8.76 4.45 11.70
CA VAL D 9 8.35 5.82 11.93
C VAL D 9 9.01 6.72 10.88
N GLU D 10 8.54 7.96 10.83
CA GLU D 10 9.11 8.91 9.87
C GLU D 10 9.19 10.29 10.52
N PHE D 11 10.21 11.04 10.12
CA PHE D 11 10.42 12.42 10.56
C PHE D 11 10.77 13.24 9.33
N LEU D 12 9.79 13.96 8.77
CA LEU D 12 10.02 14.93 7.70
C LEU D 12 10.97 14.39 6.62
N GLY D 13 10.51 13.28 6.00
CA GLY D 13 11.23 12.68 4.90
C GLY D 13 12.25 11.61 5.27
N ILE D 14 12.52 11.38 6.53
CA ILE D 14 13.47 10.36 6.97
C ILE D 14 12.66 9.23 7.59
N ARG D 15 12.54 8.11 6.86
CA ARG D 15 11.81 6.94 7.29
C ARG D 15 12.80 5.96 7.93
N THR D 16 12.51 5.51 9.16
CA THR D 16 13.46 4.72 9.92
C THR D 16 12.72 3.76 10.86
N TYR D 17 13.31 2.58 11.07
CA TYR D 17 12.96 1.76 12.22
C TYR D 17 14.03 1.84 13.30
N PHE D 18 15.29 1.62 12.90
CA PHE D 18 16.38 1.44 13.86
C PHE D 18 16.94 2.73 14.45
N PHE D 19 16.71 3.92 13.83
CA PHE D 19 17.41 5.15 14.23
C PHE D 19 16.46 6.35 14.40
N PRO D 20 15.37 6.18 15.16
CA PRO D 20 14.39 7.27 15.31
C PRO D 20 14.94 8.53 15.96
N ASN D 21 15.84 8.44 16.97
CA ASN D 21 16.35 9.64 17.61
CA ASN D 21 16.31 9.66 17.60
C ASN D 21 17.31 10.39 16.70
N LEU D 22 18.02 9.65 15.83
CA LEU D 22 18.93 10.28 14.86
C LEU D 22 18.12 11.03 13.80
N ALA D 23 17.04 10.43 13.32
CA ALA D 23 16.15 11.14 12.41
C ALA D 23 15.56 12.40 13.06
N LEU D 24 15.11 12.30 14.31
CA LEU D 24 14.56 13.47 14.97
C LEU D 24 15.64 14.53 15.17
N TYR D 25 16.86 14.10 15.48
CA TYR D 25 17.96 15.06 15.66
C TYR D 25 18.19 15.87 14.40
N ALA D 26 18.17 15.20 13.24
CA ALA D 26 18.34 15.90 11.97
C ALA D 26 17.22 16.90 11.73
N VAL D 27 15.99 16.57 12.13
CA VAL D 27 14.89 17.53 12.01
C VAL D 27 15.14 18.74 12.92
N ASN D 28 15.47 18.49 14.17
CA ASN D 28 15.59 19.58 15.15
C ASN D 28 16.87 20.40 14.99
N ASN D 29 17.90 19.86 14.34
CA ASN D 29 19.20 20.51 14.25
C ASN D 29 19.65 20.70 12.80
N ASP D 30 18.67 20.87 11.92
CA ASP D 30 18.95 21.02 10.49
C ASP D 30 19.94 22.15 10.26
N GLU D 31 19.67 23.33 10.83
CA GLU D 31 20.53 24.49 10.65
C GLU D 31 21.95 24.23 11.14
N LEU D 32 22.08 23.60 12.31
CA LEU D 32 23.40 23.28 12.85
C LEU D 32 24.16 22.32 11.92
N LEU D 33 23.45 21.34 11.33
CA LEU D 33 24.13 20.36 10.48
C LEU D 33 24.59 20.98 9.17
N VAL D 34 23.81 21.88 8.61
CA VAL D 34 24.18 22.47 7.32
C VAL D 34 25.26 23.53 7.53
N SER D 35 25.19 24.26 8.64
CA SER D 35 26.05 25.43 8.83
C SER D 35 27.33 25.11 9.60
N ASP D 36 27.21 24.66 10.85
CA ASP D 36 28.36 24.45 11.72
C ASP D 36 28.44 22.99 12.16
N PRO D 37 28.62 22.08 11.21
CA PRO D 37 28.51 20.64 11.53
C PRO D 37 29.55 20.13 12.52
N ASN D 38 30.75 20.72 12.57
CA ASN D 38 31.76 20.18 13.49
C ASN D 38 31.32 20.30 14.94
N LYS D 39 30.44 21.25 15.27
CA LYS D 39 29.86 21.32 16.60
C LYS D 39 28.49 20.66 16.67
N ALA D 40 27.99 20.17 15.53
CA ALA D 40 26.87 19.25 15.55
C ALA D 40 27.27 17.95 16.23
N ASN D 41 26.27 17.19 16.65
CA ASN D 41 26.51 15.86 17.19
C ASN D 41 27.33 15.04 16.19
N SER D 42 28.34 14.34 16.72
CA SER D 42 29.33 13.70 15.86
C SER D 42 28.77 12.51 15.07
N PHE D 43 27.84 11.75 15.65
CA PHE D 43 27.21 10.65 14.94
C PHE D 43 26.39 11.16 13.76
N ALA D 44 25.56 12.17 13.99
CA ALA D 44 24.76 12.78 12.92
C ALA D 44 25.65 13.35 11.81
N ALA D 45 26.67 14.11 12.19
CA ALA D 45 27.50 14.76 11.18
C ALA D 45 28.18 13.73 10.26
N TYR D 46 28.64 12.63 10.83
CA TYR D 46 29.27 11.58 10.03
C TYR D 46 28.28 10.96 9.05
N VAL D 47 27.10 10.59 9.55
CA VAL D 47 26.10 9.94 8.71
C VAL D 47 25.72 10.83 7.54
N PHE D 48 25.46 12.11 7.81
CA PHE D 48 24.96 13.02 6.80
C PHE D 48 26.12 13.64 6.00
N GLY D 49 27.32 13.09 6.14
CA GLY D 49 28.41 13.47 5.29
C GLY D 49 28.94 14.85 5.58
N ALA D 50 28.62 15.39 6.75
CA ALA D 50 29.02 16.76 7.10
C ALA D 50 30.39 16.82 7.75
N SER D 51 30.89 15.69 8.24
CA SER D 51 32.23 15.58 8.80
C SER D 51 32.75 14.18 8.50
N ASP D 52 34.06 14.02 8.59
CA ASP D 52 34.68 12.71 8.37
C ASP D 52 35.24 12.12 9.65
N LYS D 53 35.21 12.86 10.75
CA LYS D 53 35.51 12.30 12.06
C LYS D 53 34.50 11.20 12.40
N LYS D 54 35.01 9.99 12.60
CA LYS D 54 34.16 8.89 13.03
C LYS D 54 33.56 9.23 14.40
N PRO D 55 32.31 8.84 14.66
CA PRO D 55 31.75 9.05 16.01
C PRO D 55 32.32 8.04 17.00
N SER D 56 32.27 8.42 18.28
CA SER D 56 32.63 7.51 19.35
C SER D 56 31.50 6.53 19.59
N VAL D 57 31.86 5.34 20.11
CA VAL D 57 30.86 4.39 20.57
C VAL D 57 29.89 5.08 21.53
N ASP D 58 30.42 5.94 22.41
CA ASP D 58 29.56 6.66 23.34
C ASP D 58 28.57 7.54 22.60
N ASP D 59 29.04 8.22 21.55
CA ASP D 59 28.14 9.02 20.71
C ASP D 59 27.00 8.16 20.20
N ILE D 60 27.31 6.92 19.80
CA ILE D 60 26.27 6.05 19.26
C ILE D 60 25.28 5.67 20.33
N VAL D 61 25.79 5.25 21.50
CA VAL D 61 24.90 4.77 22.56
C VAL D 61 24.00 5.88 23.04
N GLN D 62 24.52 7.11 23.15
CA GLN D 62 23.69 8.20 23.62
C GLN D 62 22.62 8.62 22.61
N LEU D 64 21.19 6.38 20.58
CA LEU D 64 20.21 5.30 20.66
C LEU D 64 19.36 5.40 21.93
N PHE D 65 19.95 5.86 23.04
CA PHE D 65 19.28 5.84 24.35
C PHE D 65 19.40 7.21 25.02
N PRO D 66 18.76 8.23 24.49
CA PRO D 66 18.80 9.52 25.19
C PRO D 66 18.14 9.40 26.56
N SER D 67 18.59 10.24 27.51
CA SER D 67 18.00 10.21 28.85
C SER D 67 16.49 10.40 28.77
N GLY D 68 15.75 9.64 29.56
CA GLY D 68 14.30 9.73 29.56
C GLY D 68 13.61 8.97 28.46
N SER D 69 14.33 8.18 27.68
CA SER D 69 13.70 7.31 26.69
C SER D 69 12.64 6.43 27.33
N ASP D 70 11.53 6.28 26.65
CA ASP D 70 10.47 5.40 27.11
C ASP D 70 10.79 3.95 26.72
N SER D 71 9.96 3.05 27.24
CA SER D 71 10.25 1.63 27.08
C SER D 71 10.21 1.22 25.61
N GLY D 72 9.36 1.84 24.78
CA GLY D 72 9.31 1.46 23.38
C GLY D 72 10.58 1.88 22.66
N THR D 73 11.10 3.06 22.99
CA THR D 73 12.35 3.54 22.38
C THR D 73 13.53 2.68 22.82
N ILE D 74 13.55 2.30 24.09
CA ILE D 74 14.60 1.41 24.59
C ILE D 74 14.55 0.07 23.83
N LEU D 75 13.36 -0.50 23.68
CA LEU D 75 13.28 -1.79 23.00
C LEU D 75 13.70 -1.68 21.54
N THR D 76 13.32 -0.58 20.87
CA THR D 76 13.73 -0.40 19.48
C THR D 76 15.24 -0.29 19.38
N SER D 77 15.86 0.51 20.25
CA SER D 77 17.31 0.70 20.18
C SER D 77 18.05 -0.53 20.65
N ASP D 79 17.08 -3.54 19.58
CA ASP D 79 17.22 -4.16 18.26
C ASP D 79 18.44 -3.60 17.54
N THR D 80 18.62 -2.28 17.57
CA THR D 80 19.76 -1.69 16.89
C THR D 80 21.08 -2.22 17.47
N LEU D 81 21.18 -2.32 18.81
CA LEU D 81 22.38 -2.89 19.44
C LEU D 81 22.68 -4.29 18.92
N LEU D 82 21.64 -5.14 18.80
CA LEU D 82 21.86 -6.49 18.27
C LEU D 82 22.37 -6.48 16.85
N ALA D 83 21.81 -5.60 16.02
CA ALA D 83 22.24 -5.50 14.62
C ALA D 83 23.67 -4.99 14.51
N LEU D 84 24.08 -4.09 15.41
CA LEU D 84 25.45 -3.59 15.42
C LEU D 84 26.43 -4.67 15.82
N GLY D 85 26.02 -5.62 16.65
CA GLY D 85 26.81 -6.82 16.86
C GLY D 85 27.39 -6.96 18.24
N PRO D 86 28.23 -7.99 18.41
CA PRO D 86 28.71 -8.34 19.76
C PRO D 86 29.43 -7.22 20.51
N ASP D 87 30.04 -6.25 19.81
CA ASP D 87 30.60 -5.07 20.49
C ASP D 87 29.60 -4.39 21.42
N PHE D 88 28.30 -4.49 21.13
CA PHE D 88 27.28 -3.79 21.88
C PHE D 88 26.47 -4.71 22.79
N LEU D 89 26.87 -5.97 22.92
CA LEU D 89 26.08 -6.93 23.72
C LEU D 89 26.08 -6.56 25.20
N THR D 90 27.19 -6.08 25.75
CA THR D 90 27.18 -5.69 27.16
C THR D 90 26.17 -4.57 27.40
N GLU D 91 26.11 -3.60 26.49
CA GLU D 91 25.10 -2.55 26.61
C GLU D 91 23.70 -3.14 26.54
N PHE D 92 23.48 -4.09 25.62
CA PHE D 92 22.17 -4.75 25.50
C PHE D 92 21.77 -5.40 26.81
N LYS D 93 22.71 -6.15 27.44
CA LYS D 93 22.39 -6.83 28.69
C LYS D 93 22.05 -5.84 29.80
N LYS D 94 22.79 -4.73 29.88
CA LYS D 94 22.51 -3.70 30.89
C LYS D 94 21.12 -3.13 30.70
N ARG D 95 20.75 -2.85 29.44
CA ARG D 95 19.44 -2.28 29.19
C ARG D 95 18.34 -3.28 29.50
N ASN D 96 18.56 -4.56 29.18
CA ASN D 96 17.56 -5.60 29.46
C ASN D 96 17.40 -5.80 30.96
N GLN D 97 18.51 -5.72 31.70
CA GLN D 97 18.41 -5.87 33.15
C GLN D 97 17.58 -4.76 33.77
N ASP D 98 17.75 -3.53 33.30
CA ASP D 98 16.92 -2.43 33.75
C ASP D 98 15.45 -2.61 33.39
N LEU D 99 15.14 -3.08 32.17
CA LEU D 99 13.76 -3.29 31.80
C LEU D 99 13.07 -4.28 32.74
N ALA D 100 13.82 -5.27 33.25
CA ALA D 100 13.22 -6.35 34.04
C ALA D 100 12.57 -5.80 35.30
N ARG D 101 13.08 -4.67 35.82
CA ARG D 101 12.49 -4.07 37.01
C ARG D 101 11.04 -3.71 36.78
N PHE D 102 10.67 -3.41 35.54
CA PHE D 102 9.32 -3.05 35.14
C PHE D 102 8.54 -4.20 34.51
N ASN D 103 9.01 -5.43 34.66
CA ASN D 103 8.42 -6.63 34.04
C ASN D 103 8.42 -6.57 32.53
N LEU D 104 9.41 -5.87 31.96
CA LEU D 104 9.59 -5.83 30.52
C LEU D 104 10.89 -6.54 30.12
N THR D 105 10.94 -7.03 28.87
CA THR D 105 12.14 -7.67 28.35
C THR D 105 12.13 -7.61 26.83
N HIS D 106 13.34 -7.73 26.27
CA HIS D 106 13.49 -7.86 24.84
C HIS D 106 13.10 -9.27 24.38
N ASP D 107 12.36 -9.34 23.26
CA ASP D 107 11.79 -10.63 22.84
C ASP D 107 12.84 -11.61 22.32
N LEU D 108 14.07 -11.17 22.05
CA LEU D 108 15.17 -12.04 21.63
C LEU D 108 16.19 -12.23 22.74
N SER D 109 15.79 -12.07 23.99
CA SER D 109 16.69 -12.27 25.13
C SER D 109 17.45 -13.58 25.13
N ILE D 110 16.99 -14.61 24.41
CA ILE D 110 17.73 -15.88 24.44
C ILE D 110 19.14 -15.73 23.90
N LEU D 111 19.40 -14.69 23.11
CA LEU D 111 20.73 -14.42 22.56
C LEU D 111 21.74 -14.00 23.63
N ALA D 112 21.27 -13.55 24.78
CA ALA D 112 22.12 -13.06 25.85
C ALA D 112 22.23 -14.02 27.01
N GLN D 113 21.61 -15.21 26.90
CA GLN D 113 21.53 -16.15 28.01
C GLN D 113 22.46 -17.34 27.85
N GLY D 114 23.54 -17.19 27.08
CA GLY D 114 24.44 -18.31 26.84
C GLY D 114 23.86 -19.27 25.81
N ASP D 115 24.65 -20.29 25.51
CA ASP D 115 24.35 -21.21 24.42
C ASP D 115 23.88 -20.42 23.19
N GLU D 116 24.65 -19.36 22.88
CA GLU D 116 24.34 -18.47 21.77
C GLU D 116 24.17 -19.23 20.45
N ASP D 117 24.89 -20.35 20.29
CA ASP D 117 24.84 -21.08 19.03
C ASP D 117 23.48 -21.76 18.85
N ALA D 118 23.03 -22.51 19.85
CA ALA D 118 21.73 -23.17 19.74
C ALA D 118 20.61 -22.15 19.62
N ALA D 119 20.76 -20.97 20.25
CA ALA D 119 19.76 -19.94 20.10
C ALA D 119 19.71 -19.45 18.66
N LYS D 120 20.88 -19.32 18.01
CA LYS D 120 20.91 -18.80 16.65
C LYS D 120 20.30 -19.79 15.66
N LYS D 121 20.46 -21.09 15.86
CA LYS D 121 19.80 -22.07 14.99
C LYS D 121 18.28 -22.03 15.13
N LYS D 122 17.76 -21.90 16.35
CA LYS D 122 16.32 -21.78 16.51
C LYS D 122 15.83 -20.45 15.93
N LEU D 123 16.61 -19.40 16.13
CA LEU D 123 16.21 -18.09 15.59
C LEU D 123 16.24 -18.09 14.07
N ASN D 124 17.20 -18.77 13.46
CA ASN D 124 17.22 -18.87 11.99
C ASN D 124 15.88 -19.37 11.46
N LEU D 125 15.35 -20.44 12.05
CA LEU D 125 14.09 -20.98 11.55
C LEU D 125 12.93 -20.03 11.81
N GLY D 127 13.13 -16.76 11.95
CA GLY D 127 13.28 -15.65 11.02
C GLY D 127 12.80 -15.97 9.61
N ARG D 128 13.03 -17.21 9.17
CA ARG D 128 12.56 -17.61 7.84
C ARG D 128 11.05 -17.61 7.77
N LYS D 129 10.39 -18.03 8.84
CA LYS D 129 8.94 -18.02 8.85
C LYS D 129 8.40 -16.61 9.02
N ALA D 130 9.10 -15.76 9.78
CA ALA D 130 8.66 -14.38 9.98
C ALA D 130 8.66 -13.60 8.68
N LYS D 131 9.67 -13.81 7.84
CA LYS D 131 9.79 -13.06 6.59
C LYS D 131 8.57 -13.31 5.69
N LEU D 132 7.96 -14.50 5.81
CA LEU D 132 6.82 -14.88 4.99
C LEU D 132 5.51 -14.27 5.47
N GLN D 133 5.48 -13.68 6.66
CA GLN D 133 4.29 -12.98 7.13
C GLN D 133 4.14 -11.66 6.38
N LYS D 134 2.95 -11.10 6.42
CA LYS D 134 2.63 -9.96 5.58
C LYS D 134 2.76 -8.61 6.29
N THR D 135 3.30 -8.59 7.50
CA THR D 135 3.43 -7.35 8.25
C THR D 135 4.84 -6.79 8.20
N GLU D 136 4.93 -5.46 8.31
CA GLU D 136 6.25 -4.82 8.44
C GLU D 136 6.97 -5.32 9.69
N ALA D 137 6.23 -5.50 10.80
CA ALA D 137 6.86 -5.90 12.05
C ALA D 137 7.55 -7.25 11.92
N ALA D 138 6.91 -8.20 11.25
CA ALA D 138 7.53 -9.51 11.08
C ALA D 138 8.74 -9.42 10.16
N LYS D 139 8.64 -8.63 9.08
CA LYS D 139 9.74 -8.52 8.13
C LYS D 139 10.96 -7.86 8.75
N ILE D 140 10.75 -6.89 9.64
CA ILE D 140 11.87 -6.27 10.37
C ILE D 140 12.54 -7.31 11.26
N LEU D 141 11.75 -8.07 12.01
CA LEU D 141 12.30 -9.12 12.84
C LEU D 141 13.14 -10.09 12.00
N ALA D 142 12.63 -10.50 10.83
CA ALA D 142 13.34 -11.44 9.99
C ALA D 142 14.70 -10.88 9.55
N ILE D 143 14.74 -9.61 9.14
CA ILE D 143 16.00 -8.98 8.72
C ILE D 143 16.97 -8.89 9.89
N LEU D 144 16.45 -8.54 11.05
CA LEU D 144 17.28 -8.46 12.27
C LEU D 144 17.91 -9.80 12.58
N ILE D 145 17.12 -10.87 12.56
CA ILE D 145 17.65 -12.21 12.83
C ILE D 145 18.73 -12.57 11.79
N LYS D 146 18.46 -12.30 10.51
CA LYS D 146 19.41 -12.68 9.46
C LYS D 146 20.72 -11.92 9.61
N THR D 147 20.63 -10.68 10.07
CA THR D 147 21.80 -9.85 10.30
C THR D 147 22.60 -10.37 11.49
N ILE D 148 21.91 -10.66 12.59
CA ILE D 148 22.56 -11.25 13.77
C ILE D 148 23.30 -12.52 13.40
N ASN D 149 22.69 -13.37 12.58
CA ASN D 149 23.25 -14.67 12.25
C ASN D 149 24.31 -14.62 11.17
N SER D 150 24.63 -13.43 10.65
CA SER D 150 25.66 -13.30 9.63
C SER D 150 27.06 -13.39 10.24
N GLU D 151 27.92 -14.18 9.62
CA GLU D 151 29.27 -14.40 10.14
C GLU D 151 30.28 -13.38 9.59
N GLU D 152 30.11 -12.98 8.33
CA GLU D 152 31.04 -12.12 7.62
C GLU D 152 30.37 -10.82 7.25
N ASN D 153 31.19 -9.77 7.07
CA ASN D 153 30.69 -8.44 6.73
C ASN D 153 29.93 -8.42 5.41
N TYR D 154 30.39 -9.17 4.40
CA TYR D 154 29.68 -9.14 3.11
C TYR D 154 28.28 -9.74 3.24
N GLU D 155 28.17 -10.85 3.96
CA GLU D 155 26.87 -11.44 4.24
C GLU D 155 26.01 -10.49 5.04
N LYS D 156 26.61 -9.85 6.06
CA LYS D 156 25.86 -8.91 6.88
C LYS D 156 25.32 -7.76 6.04
N PHE D 157 26.15 -7.22 5.15
CA PHE D 157 25.70 -6.18 4.22
C PHE D 157 24.55 -6.68 3.35
N THR D 158 24.66 -7.91 2.82
CA THR D 158 23.62 -8.47 1.96
C THR D 158 22.30 -8.58 2.71
N GLU D 159 22.34 -9.00 3.97
CA GLU D 159 21.09 -9.14 4.73
C GLU D 159 20.53 -7.79 5.12
N LEU D 160 21.38 -6.83 5.53
CA LEU D 160 20.92 -5.47 5.84
C LEU D 160 20.34 -4.77 4.62
N SER D 161 20.86 -5.09 3.42
CA SER D 161 20.32 -4.48 2.21
C SER D 161 18.83 -4.76 2.05
N GLU D 162 18.33 -5.86 2.61
CA GLU D 162 16.91 -6.16 2.49
C GLU D 162 16.04 -5.07 3.13
N LEU D 163 16.60 -4.27 4.03
CA LEU D 163 15.86 -3.13 4.58
C LEU D 163 15.35 -2.20 3.47
N CYS D 164 16.07 -2.11 2.34
CA CYS D 164 15.61 -1.28 1.25
C CYS D 164 14.25 -1.72 0.74
N GLY D 165 13.92 -3.01 0.85
CA GLY D 165 12.62 -3.53 0.43
C GLY D 165 11.44 -3.04 1.24
N LEU D 166 11.71 -2.47 2.41
CA LEU D 166 10.74 -1.81 3.27
C LEU D 166 10.88 -0.30 3.21
N ASP D 167 11.60 0.22 2.21
CA ASP D 167 11.94 1.65 2.11
C ASP D 167 12.64 2.16 3.38
N LEU D 168 13.49 1.30 3.95
CA LEU D 168 14.37 1.63 5.06
C LEU D 168 15.82 1.79 4.59
N ASP D 169 15.99 2.37 3.39
CA ASP D 169 17.30 2.71 2.87
C ASP D 169 18.12 3.56 3.84
N PHE D 170 17.47 4.46 4.59
CA PHE D 170 18.20 5.24 5.57
C PHE D 170 18.92 4.32 6.55
N ASP D 171 18.19 3.34 7.10
CA ASP D 171 18.79 2.46 8.08
C ASP D 171 19.92 1.63 7.47
N ALA D 172 19.72 1.11 6.27
CA ALA D 172 20.76 0.33 5.62
C ALA D 172 22.02 1.17 5.46
N TYR D 173 21.86 2.43 5.08
CA TYR D 173 23.00 3.30 4.88
C TYR D 173 23.70 3.60 6.19
N VAL D 174 22.93 3.92 7.24
CA VAL D 174 23.54 4.21 8.55
C VAL D 174 24.34 3.00 9.05
N PHE D 175 23.75 1.78 8.96
CA PHE D 175 24.50 0.59 9.38
C PHE D 175 25.77 0.44 8.55
N THR D 176 25.66 0.66 7.24
CA THR D 176 26.82 0.53 6.37
C THR D 176 27.94 1.46 6.83
N LYS D 177 27.59 2.71 7.16
CA LYS D 177 28.61 3.70 7.54
C LYS D 177 29.26 3.34 8.87
N ILE D 178 28.44 3.02 9.87
CA ILE D 178 28.91 2.78 11.22
C ILE D 178 29.70 1.48 11.28
N LEU D 179 29.33 0.47 10.50
CA LEU D 179 29.95 -0.83 10.57
C LEU D 179 31.08 -0.99 9.56
N GLY D 180 31.36 0.03 8.78
CA GLY D 180 32.41 -0.02 7.76
C GLY D 180 32.18 -1.08 6.71
N LEU D 181 30.94 -1.21 6.19
CA LEU D 181 30.61 -2.27 5.26
C LEU D 181 30.86 -1.89 3.80
N GLU D 182 31.25 -0.65 3.53
CA GLU D 182 31.50 -0.19 2.16
C GLU D 182 32.96 -0.51 1.80
N ASP D 183 33.15 -1.40 0.84
CA ASP D 183 34.51 -1.73 0.35
C ASP D 183 34.42 -1.88 -1.16
N GLU D 184 35.49 -2.42 -1.78
CA GLU D 184 35.50 -2.52 -3.24
C GLU D 184 34.41 -3.45 -3.74
N ASP D 185 34.05 -4.47 -2.96
CA ASP D 185 33.03 -5.41 -3.38
C ASP D 185 31.61 -4.84 -3.25
N THR D 186 31.39 -3.92 -2.32
CA THR D 186 30.04 -3.43 -2.05
C THR D 186 29.79 -2.00 -2.51
N ALA D 187 30.81 -1.27 -2.98
CA ALA D 187 30.70 0.17 -3.16
C ALA D 187 29.58 0.55 -4.12
N ASP D 188 29.38 -0.23 -5.19
CA ASP D 188 28.35 0.13 -6.17
C ASP D 188 26.96 -0.04 -5.58
N GLU D 189 26.74 -1.09 -4.80
CA GLU D 189 25.45 -1.27 -4.13
C GLU D 189 25.21 -0.17 -3.09
N VAL D 190 26.24 0.19 -2.32
CA VAL D 190 26.10 1.28 -1.35
C VAL D 190 25.67 2.56 -2.05
N GLU D 191 26.19 2.81 -3.25
CA GLU D 191 25.81 4.03 -3.95
C GLU D 191 24.33 4.01 -4.33
N VAL D 192 23.79 2.84 -4.68
CA VAL D 192 22.36 2.78 -4.96
C VAL D 192 21.56 3.06 -3.69
N ILE D 193 21.97 2.46 -2.57
CA ILE D 193 21.24 2.67 -1.31
C ILE D 193 21.26 4.14 -0.91
N ARG D 194 22.46 4.75 -0.95
CA ARG D 194 22.59 6.16 -0.62
C ARG D 194 21.70 7.01 -1.51
N ASP D 195 21.70 6.71 -2.83
CA ASP D 195 20.91 7.49 -3.76
C ASP D 195 19.41 7.32 -3.50
N ASN D 196 18.98 6.11 -3.11
CA ASN D 196 17.58 5.92 -2.78
C ASN D 196 17.18 6.84 -1.64
N PHE D 197 18.02 6.91 -0.60
CA PHE D 197 17.66 7.74 0.53
C PHE D 197 17.67 9.22 0.12
N LEU D 198 18.70 9.63 -0.62
CA LEU D 198 18.82 11.04 -1.00
C LEU D 198 17.68 11.48 -1.89
N ASN D 199 17.20 10.58 -2.76
CA ASN D 199 16.04 10.90 -3.59
C ASN D 199 14.83 11.28 -2.73
N ARG D 200 14.72 10.70 -1.55
CA ARG D 200 13.62 11.06 -0.67
C ARG D 200 13.96 12.31 0.15
N LEU D 201 15.15 12.37 0.73
CA LEU D 201 15.55 13.51 1.56
C LEU D 201 15.56 14.79 0.74
N ASP D 202 15.84 14.70 -0.56
CA ASP D 202 15.81 15.87 -1.43
C ASP D 202 14.46 16.56 -1.39
N GLN D 203 13.38 15.79 -1.16
CA GLN D 203 12.01 16.32 -1.22
C GLN D 203 11.65 17.19 0.00
N THR D 204 12.33 17.02 1.14
CA THR D 204 12.07 17.75 2.38
C THR D 204 13.22 18.62 2.87
N LYS D 205 14.46 18.19 2.67
CA LYS D 205 15.64 18.84 3.25
C LYS D 205 16.74 18.87 2.21
N PRO D 206 16.53 19.63 1.13
CA PRO D 206 17.52 19.63 0.03
C PRO D 206 18.89 20.16 0.42
N LYS D 207 18.99 21.11 1.35
CA LYS D 207 20.32 21.56 1.77
C LYS D 207 21.08 20.45 2.50
N LEU D 208 20.41 19.73 3.40
CA LEU D 208 21.08 18.62 4.06
C LEU D 208 21.43 17.52 3.05
N ALA D 209 20.53 17.24 2.12
CA ALA D 209 20.78 16.21 1.12
C ALA D 209 21.96 16.57 0.24
N ASP D 210 22.08 17.84 -0.13
CA ASP D 210 23.23 18.26 -0.93
C ASP D 210 24.54 18.04 -0.17
N ILE D 211 24.58 18.35 1.13
CA ILE D 211 25.77 18.11 1.94
C ILE D 211 26.14 16.62 1.90
N ARG D 213 25.35 14.48 -0.36
CA ARG D 213 25.80 14.16 -1.71
C ARG D 213 27.25 14.56 -1.92
N ASN D 214 27.63 15.77 -1.49
CA ASN D 214 28.84 16.45 -1.94
C ASN D 214 29.71 16.90 -0.78
N GLY D 215 29.74 16.12 0.31
CA GLY D 215 30.54 16.46 1.48
C GLY D 215 30.24 17.82 2.10
#